data_8OS0
#
_entry.id   8OS0
#
_entity_poly.entity_id   1
_entity_poly.type   'polypeptide(L)'
_entity_poly.pdbx_seq_one_letter_code
;KKKPLLPLLVAGAVLLLVILVLGVMVAKKK
;
_entity_poly.pdbx_strand_id   A
#
# COMPACT_ATOMS: atom_id res chain seq x y z
N LYS A 1 11.54 -20.13 12.22
CA LYS A 1 11.89 -20.21 10.77
C LYS A 1 11.06 -19.21 9.96
N LYS A 2 9.75 -19.28 10.12
CA LYS A 2 8.83 -18.39 9.41
C LYS A 2 8.96 -16.96 9.92
N LYS A 3 9.04 -16.01 8.99
CA LYS A 3 9.16 -14.60 9.34
C LYS A 3 7.80 -14.02 9.72
N PRO A 4 7.71 -13.30 10.86
CA PRO A 4 6.45 -12.70 11.31
C PRO A 4 5.82 -11.80 10.25
N LEU A 5 4.50 -11.77 10.21
CA LEU A 5 3.78 -10.95 9.24
C LEU A 5 3.22 -9.69 9.88
N LEU A 6 3.50 -9.50 11.17
CA LEU A 6 3.02 -8.33 11.90
C LEU A 6 3.38 -7.03 11.17
N PRO A 7 4.66 -6.85 10.79
CA PRO A 7 5.08 -5.63 10.08
C PRO A 7 4.64 -5.63 8.61
N LEU A 8 4.34 -6.81 8.10
CA LEU A 8 3.90 -6.95 6.72
C LEU A 8 2.46 -6.45 6.54
N LEU A 9 1.66 -6.57 7.60
CA LEU A 9 0.27 -6.14 7.56
C LEU A 9 0.19 -4.62 7.33
N VAL A 10 1.00 -3.87 8.06
CA VAL A 10 1.03 -2.42 7.94
C VAL A 10 1.80 -2.00 6.69
N ALA A 11 2.73 -2.85 6.26
CA ALA A 11 3.53 -2.57 5.07
C ALA A 11 2.65 -2.44 3.83
N GLY A 12 1.80 -3.45 3.61
CA GLY A 12 0.92 -3.43 2.46
C GLY A 12 -0.05 -2.26 2.51
N ALA A 13 -0.40 -1.83 3.71
CA ALA A 13 -1.33 -0.72 3.88
C ALA A 13 -0.73 0.58 3.34
N VAL A 14 0.53 0.81 3.66
CA VAL A 14 1.23 2.02 3.20
C VAL A 14 1.31 2.06 1.69
N LEU A 15 1.60 0.91 1.09
CA LEU A 15 1.71 0.81 -0.37
C LEU A 15 0.36 1.05 -1.03
N LEU A 16 -0.71 0.80 -0.29
CA LEU A 16 -2.06 0.98 -0.80
C LEU A 16 -2.39 2.47 -0.92
N LEU A 17 -1.91 3.25 0.04
CA LEU A 17 -2.17 4.69 0.05
C LEU A 17 -1.16 5.45 -0.81
N VAL A 18 0.08 4.98 -0.84
CA VAL A 18 1.13 5.65 -1.61
C VAL A 18 1.16 5.23 -3.08
N ILE A 19 1.19 3.93 -3.35
CA ILE A 19 1.26 3.42 -4.72
C ILE A 19 -0.10 3.36 -5.41
N LEU A 20 -1.02 2.56 -4.87
CA LEU A 20 -2.34 2.39 -5.46
C LEU A 20 -3.02 3.73 -5.73
N VAL A 21 -3.00 4.61 -4.74
CA VAL A 21 -3.62 5.93 -4.88
C VAL A 21 -2.92 6.77 -5.95
N LEU A 22 -1.65 6.48 -6.19
CA LEU A 22 -0.88 7.22 -7.19
C LEU A 22 -1.44 6.98 -8.59
N GLY A 23 -1.97 5.78 -8.82
CA GLY A 23 -2.52 5.46 -10.12
C GLY A 23 -3.94 5.96 -10.31
N VAL A 24 -4.61 6.29 -9.22
CA VAL A 24 -5.98 6.79 -9.30
C VAL A 24 -6.04 8.18 -9.92
N MET A 25 -4.94 8.92 -9.80
CA MET A 25 -4.86 10.26 -10.35
C MET A 25 -5.00 10.23 -11.86
N VAL A 26 -4.33 9.27 -12.50
CA VAL A 26 -4.38 9.12 -13.95
C VAL A 26 -5.61 8.32 -14.36
N ALA A 27 -6.06 7.44 -13.48
CA ALA A 27 -7.24 6.61 -13.75
C ALA A 27 -8.51 7.45 -13.80
N LYS A 28 -8.82 8.10 -12.69
CA LYS A 28 -10.00 8.95 -12.60
C LYS A 28 -10.00 10.02 -13.69
N LYS A 29 -8.82 10.55 -14.00
CA LYS A 29 -8.69 11.59 -15.02
C LYS A 29 -8.97 11.01 -16.41
N LYS A 30 -8.72 9.72 -16.59
CA LYS A 30 -8.94 9.06 -17.87
C LYS A 30 -10.41 9.17 -18.29
N LYS A 1 5.82 -10.49 20.49
CA LYS A 1 6.75 -9.58 21.22
C LYS A 1 8.18 -9.77 20.73
N LYS A 2 8.57 -11.01 20.51
CA LYS A 2 9.92 -11.32 20.05
C LYS A 2 10.00 -11.25 18.52
N LYS A 3 9.07 -11.94 17.87
CA LYS A 3 9.01 -11.96 16.41
C LYS A 3 7.89 -11.07 15.89
N PRO A 4 8.21 -9.83 15.46
CA PRO A 4 7.20 -8.90 14.94
C PRO A 4 6.64 -9.33 13.59
N LEU A 5 5.32 -9.29 13.47
CA LEU A 5 4.65 -9.67 12.22
C LEU A 5 3.72 -8.55 11.76
N LEU A 6 3.67 -7.48 12.53
CA LEU A 6 2.82 -6.33 12.21
C LEU A 6 3.33 -5.57 10.99
N PRO A 7 4.64 -5.24 10.91
CA PRO A 7 5.20 -4.49 9.78
C PRO A 7 4.94 -5.17 8.44
N LEU A 8 4.63 -6.46 8.47
CA LEU A 8 4.35 -7.20 7.26
C LEU A 8 2.86 -7.12 6.90
N LEU A 9 2.03 -6.94 7.91
CA LEU A 9 0.59 -6.85 7.71
C LEU A 9 0.20 -5.44 7.26
N VAL A 10 0.94 -4.44 7.73
CA VAL A 10 0.67 -3.05 7.39
C VAL A 10 1.34 -2.67 6.08
N ALA A 11 2.35 -3.43 5.68
CA ALA A 11 3.08 -3.17 4.45
C ALA A 11 2.13 -3.03 3.26
N GLY A 12 1.10 -3.86 3.24
CA GLY A 12 0.13 -3.82 2.16
C GLY A 12 -0.73 -2.57 2.21
N ALA A 13 -0.92 -2.03 3.41
CA ALA A 13 -1.73 -0.83 3.59
C ALA A 13 -0.96 0.42 3.19
N VAL A 14 0.35 0.41 3.44
CA VAL A 14 1.20 1.55 3.11
C VAL A 14 1.27 1.75 1.60
N LEU A 15 1.43 0.66 0.87
CA LEU A 15 1.52 0.70 -0.59
C LEU A 15 0.24 1.24 -1.22
N LEU A 16 -0.85 1.16 -0.47
CA LEU A 16 -2.14 1.65 -0.96
C LEU A 16 -2.21 3.16 -0.89
N LEU A 17 -1.71 3.73 0.20
CA LEU A 17 -1.73 5.17 0.39
C LEU A 17 -0.54 5.87 -0.28
N VAL A 18 0.59 5.17 -0.36
CA VAL A 18 1.79 5.76 -0.95
C VAL A 18 1.84 5.63 -2.48
N ILE A 19 1.56 4.43 -2.99
CA ILE A 19 1.61 4.18 -4.43
C ILE A 19 0.33 4.61 -5.16
N LEU A 20 -0.80 3.99 -4.80
CA LEU A 20 -2.08 4.27 -5.44
C LEU A 20 -2.43 5.76 -5.39
N VAL A 21 -2.53 6.30 -4.18
CA VAL A 21 -2.87 7.71 -3.98
C VAL A 21 -1.91 8.64 -4.73
N LEU A 22 -0.70 8.17 -4.98
CA LEU A 22 0.29 8.98 -5.69
C LEU A 22 -0.03 9.03 -7.18
N GLY A 23 -0.65 7.97 -7.69
CA GLY A 23 -1.00 7.91 -9.09
C GLY A 23 -2.30 8.63 -9.41
N VAL A 24 -3.12 8.85 -8.39
CA VAL A 24 -4.40 9.52 -8.57
C VAL A 24 -4.20 10.95 -9.09
N MET A 25 -3.03 11.51 -8.80
CA MET A 25 -2.71 12.86 -9.25
C MET A 25 -2.58 12.91 -10.76
N VAL A 26 -2.08 11.82 -11.35
CA VAL A 26 -1.90 11.73 -12.79
C VAL A 26 -3.20 11.30 -13.47
N ALA A 27 -3.99 10.50 -12.77
CA ALA A 27 -5.25 10.00 -13.31
C ALA A 27 -6.31 11.10 -13.36
N LYS A 28 -6.69 11.60 -12.17
CA LYS A 28 -7.69 12.64 -12.07
C LYS A 28 -7.36 13.85 -12.95
N LYS A 29 -6.16 14.41 -12.76
CA LYS A 29 -5.72 15.56 -13.53
C LYS A 29 -5.70 15.24 -15.02
N LYS A 30 -4.87 14.25 -15.38
CA LYS A 30 -4.74 13.85 -16.78
C LYS A 30 -5.40 12.48 -17.01
N LYS A 1 11.15 -20.63 8.61
CA LYS A 1 11.10 -19.18 8.90
C LYS A 1 10.63 -18.93 10.33
N LYS A 2 11.13 -17.85 10.93
CA LYS A 2 10.76 -17.50 12.30
C LYS A 2 10.29 -16.06 12.37
N LYS A 3 10.65 -15.26 11.36
CA LYS A 3 10.27 -13.85 11.31
C LYS A 3 8.75 -13.71 11.28
N PRO A 4 8.18 -12.85 12.16
CA PRO A 4 6.73 -12.63 12.21
C PRO A 4 6.20 -11.87 11.00
N LEU A 5 4.95 -12.12 10.65
CA LEU A 5 4.32 -11.45 9.52
C LEU A 5 3.40 -10.33 10.00
N LEU A 6 3.63 -9.89 11.24
CA LEU A 6 2.83 -8.82 11.83
C LEU A 6 3.25 -7.44 11.31
N PRO A 7 4.57 -7.10 11.34
CA PRO A 7 5.05 -5.80 10.88
C PRO A 7 4.92 -5.64 9.36
N LEU A 8 4.43 -6.68 8.70
CA LEU A 8 4.27 -6.64 7.24
C LEU A 8 2.87 -6.17 6.86
N LEU A 9 1.89 -6.43 7.72
CA LEU A 9 0.52 -6.02 7.45
C LEU A 9 0.39 -4.51 7.37
N VAL A 10 1.27 -3.81 8.10
CA VAL A 10 1.27 -2.35 8.11
C VAL A 10 2.09 -1.79 6.96
N ALA A 11 3.13 -2.52 6.56
CA ALA A 11 3.99 -2.09 5.47
C ALA A 11 3.22 -2.10 4.15
N GLY A 12 2.48 -3.17 3.91
CA GLY A 12 1.71 -3.28 2.68
C GLY A 12 0.61 -2.24 2.60
N ALA A 13 0.05 -1.88 3.76
CA ALA A 13 -1.00 -0.88 3.81
C ALA A 13 -0.52 0.45 3.25
N VAL A 14 0.77 0.72 3.44
CA VAL A 14 1.36 1.95 2.95
C VAL A 14 1.32 2.01 1.42
N LEU A 15 1.57 0.86 0.80
CA LEU A 15 1.55 0.76 -0.65
C LEU A 15 0.16 1.07 -1.21
N LEU A 16 -0.86 0.92 -0.37
CA LEU A 16 -2.23 1.18 -0.78
C LEU A 16 -2.50 2.68 -0.83
N LEU A 17 -1.93 3.43 0.10
CA LEU A 17 -2.13 4.86 0.17
C LEU A 17 -1.16 5.61 -0.75
N VAL A 18 0.04 5.05 -0.93
CA VAL A 18 1.06 5.68 -1.76
C VAL A 18 0.93 5.33 -3.25
N ILE A 19 0.83 4.03 -3.56
CA ILE A 19 0.76 3.58 -4.94
C ILE A 19 -0.66 3.65 -5.52
N LEU A 20 -1.58 2.89 -4.93
CA LEU A 20 -2.96 2.85 -5.41
C LEU A 20 -3.56 4.25 -5.56
N VAL A 21 -3.50 5.04 -4.50
CA VAL A 21 -4.04 6.40 -4.52
C VAL A 21 -3.37 7.24 -5.61
N LEU A 22 -2.14 6.90 -5.95
CA LEU A 22 -1.39 7.63 -6.97
C LEU A 22 -1.78 7.16 -8.37
N GLY A 23 -2.29 5.94 -8.47
CA GLY A 23 -2.68 5.38 -9.75
C GLY A 23 -4.05 5.86 -10.21
N VAL A 24 -4.92 6.20 -9.26
CA VAL A 24 -6.25 6.66 -9.59
C VAL A 24 -6.24 8.10 -10.09
N MET A 25 -5.38 8.92 -9.50
CA MET A 25 -5.29 10.33 -9.89
C MET A 25 -4.63 10.48 -11.26
N VAL A 26 -3.54 9.75 -11.47
CA VAL A 26 -2.83 9.80 -12.74
C VAL A 26 -3.70 9.26 -13.87
N ALA A 27 -4.64 8.39 -13.51
CA ALA A 27 -5.54 7.79 -14.49
C ALA A 27 -6.67 8.75 -14.85
N LYS A 28 -7.33 9.31 -13.84
CA LYS A 28 -8.42 10.24 -14.06
C LYS A 28 -7.92 11.49 -14.80
N LYS A 29 -6.68 11.86 -14.54
CA LYS A 29 -6.08 13.02 -15.19
C LYS A 29 -5.64 12.70 -16.61
N LYS A 30 -5.46 11.41 -16.88
CA LYS A 30 -5.04 10.95 -18.21
C LYS A 30 -6.22 10.98 -19.19
N LYS A 1 11.12 -18.88 17.76
CA LYS A 1 10.74 -17.53 18.25
C LYS A 1 9.59 -16.96 17.42
N LYS A 2 8.38 -17.01 17.98
CA LYS A 2 7.20 -16.50 17.29
C LYS A 2 7.33 -15.00 17.02
N LYS A 3 7.50 -14.65 15.75
CA LYS A 3 7.64 -13.25 15.36
C LYS A 3 6.31 -12.70 14.84
N PRO A 4 5.82 -11.57 15.42
CA PRO A 4 4.56 -10.95 15.00
C PRO A 4 4.56 -10.58 13.52
N LEU A 5 3.40 -10.68 12.89
CA LEU A 5 3.26 -10.35 11.47
C LEU A 5 2.71 -8.95 11.28
N LEU A 6 2.81 -8.14 12.34
CA LEU A 6 2.32 -6.75 12.29
C LEU A 6 3.05 -5.94 11.21
N PRO A 7 4.40 -5.97 11.18
CA PRO A 7 5.17 -5.21 10.18
C PRO A 7 4.85 -5.64 8.76
N LEU A 8 4.22 -6.81 8.61
CA LEU A 8 3.86 -7.32 7.30
C LEU A 8 2.47 -6.84 6.89
N LEU A 9 1.56 -6.76 7.87
CA LEU A 9 0.20 -6.32 7.60
C LEU A 9 0.16 -4.82 7.33
N VAL A 10 1.08 -4.09 7.97
CA VAL A 10 1.14 -2.64 7.79
C VAL A 10 1.96 -2.27 6.56
N ALA A 11 2.87 -3.16 6.17
CA ALA A 11 3.72 -2.94 5.01
C ALA A 11 2.88 -2.74 3.75
N GLY A 12 1.96 -3.67 3.51
CA GLY A 12 1.11 -3.57 2.34
C GLY A 12 0.22 -2.34 2.38
N ALA A 13 -0.17 -1.94 3.58
CA ALA A 13 -1.03 -0.77 3.76
C ALA A 13 -0.34 0.49 3.22
N VAL A 14 0.96 0.57 3.43
CA VAL A 14 1.73 1.72 2.98
C VAL A 14 1.61 1.89 1.46
N LEU A 15 1.96 0.85 0.72
CA LEU A 15 1.89 0.87 -0.74
C LEU A 15 0.46 1.10 -1.23
N LEU A 16 -0.51 0.80 -0.38
CA LEU A 16 -1.91 0.98 -0.75
C LEU A 16 -2.32 2.45 -0.70
N LEU A 17 -1.82 3.17 0.30
CA LEU A 17 -2.16 4.58 0.46
C LEU A 17 -1.25 5.46 -0.40
N VAL A 18 -0.02 5.02 -0.61
CA VAL A 18 0.95 5.80 -1.39
C VAL A 18 0.83 5.55 -2.90
N ILE A 19 0.85 4.28 -3.30
CA ILE A 19 0.78 3.93 -4.72
C ILE A 19 -0.64 3.93 -5.26
N LEU A 20 -1.49 3.07 -4.71
CA LEU A 20 -2.88 2.96 -5.16
C LEU A 20 -3.58 4.32 -5.19
N VAL A 21 -3.71 4.94 -4.02
CA VAL A 21 -4.37 6.24 -3.90
C VAL A 21 -3.81 7.27 -4.88
N LEU A 22 -2.55 7.08 -5.29
CA LEU A 22 -1.91 7.99 -6.22
C LEU A 22 -2.37 7.70 -7.65
N GLY A 23 -2.60 6.42 -7.94
CA GLY A 23 -3.03 6.02 -9.26
C GLY A 23 -4.53 6.16 -9.49
N VAL A 24 -5.30 6.28 -8.40
CA VAL A 24 -6.75 6.42 -8.50
C VAL A 24 -7.14 7.63 -9.36
N MET A 25 -6.25 8.62 -9.43
CA MET A 25 -6.51 9.82 -10.20
C MET A 25 -6.69 9.51 -11.68
N VAL A 26 -5.70 8.82 -12.26
CA VAL A 26 -5.75 8.47 -13.68
C VAL A 26 -6.57 7.20 -13.91
N ALA A 27 -6.65 6.35 -12.88
CA ALA A 27 -7.40 5.11 -12.98
C ALA A 27 -8.89 5.37 -13.14
N LYS A 28 -9.47 6.07 -12.18
CA LYS A 28 -10.90 6.39 -12.22
C LYS A 28 -11.22 7.33 -13.37
N LYS A 29 -10.18 7.87 -14.01
CA LYS A 29 -10.34 8.78 -15.13
C LYS A 29 -10.66 8.01 -16.41
N LYS A 30 -9.77 7.10 -16.78
CA LYS A 30 -9.94 6.30 -17.99
C LYS A 30 -10.72 5.02 -17.67
N LYS A 1 15.69 -10.20 19.94
CA LYS A 1 15.26 -11.61 19.97
C LYS A 1 13.84 -11.75 19.41
N LYS A 2 12.97 -10.83 19.79
CA LYS A 2 11.58 -10.84 19.32
C LYS A 2 11.52 -10.59 17.82
N LYS A 3 10.74 -11.42 17.12
CA LYS A 3 10.59 -11.29 15.67
C LYS A 3 9.22 -10.69 15.33
N PRO A 4 9.18 -9.40 14.93
CA PRO A 4 7.92 -8.73 14.58
C PRO A 4 7.40 -9.17 13.22
N LEU A 5 6.11 -9.52 13.16
CA LEU A 5 5.49 -9.94 11.92
C LEU A 5 4.31 -9.03 11.57
N LEU A 6 4.23 -7.89 12.25
CA LEU A 6 3.17 -6.93 12.02
C LEU A 6 3.48 -6.02 10.83
N PRO A 7 4.71 -5.45 10.76
CA PRO A 7 5.09 -4.56 9.65
C PRO A 7 4.90 -5.21 8.28
N LEU A 8 4.84 -6.54 8.27
CA LEU A 8 4.66 -7.28 7.03
C LEU A 8 3.19 -7.31 6.62
N LEU A 9 2.31 -7.47 7.61
CA LEU A 9 0.88 -7.50 7.35
C LEU A 9 0.37 -6.14 6.88
N VAL A 10 0.95 -5.08 7.42
CA VAL A 10 0.57 -3.72 7.06
C VAL A 10 1.28 -3.27 5.80
N ALA A 11 2.38 -3.93 5.47
CA ALA A 11 3.17 -3.59 4.29
C ALA A 11 2.28 -3.41 3.06
N GLY A 12 1.20 -4.18 3.00
CA GLY A 12 0.28 -4.08 1.87
C GLY A 12 -0.57 -2.83 1.93
N ALA A 13 -1.09 -2.52 3.13
CA ALA A 13 -1.92 -1.34 3.31
C ALA A 13 -1.13 -0.07 3.02
N VAL A 14 0.17 -0.12 3.30
CA VAL A 14 1.05 1.01 3.06
C VAL A 14 1.13 1.32 1.57
N LEU A 15 1.05 0.28 0.75
CA LEU A 15 1.10 0.43 -0.70
C LEU A 15 -0.04 1.28 -1.22
N LEU A 16 -1.10 1.40 -0.43
CA LEU A 16 -2.26 2.18 -0.81
C LEU A 16 -2.03 3.66 -0.52
N LEU A 17 -1.43 3.94 0.63
CA LEU A 17 -1.16 5.32 1.04
C LEU A 17 0.15 5.85 0.44
N VAL A 18 1.10 4.96 0.18
CA VAL A 18 2.39 5.36 -0.35
C VAL A 18 2.40 5.49 -1.88
N ILE A 19 1.85 4.49 -2.56
CA ILE A 19 1.82 4.48 -4.02
C ILE A 19 0.68 5.29 -4.62
N LEU A 20 -0.56 4.90 -4.31
CA LEU A 20 -1.73 5.59 -4.84
C LEU A 20 -1.72 7.08 -4.52
N VAL A 21 -1.61 7.42 -3.25
CA VAL A 21 -1.60 8.81 -2.80
C VAL A 21 -0.46 9.60 -3.44
N LEU A 22 0.61 8.91 -3.81
CA LEU A 22 1.76 9.57 -4.42
C LEU A 22 1.37 10.23 -5.74
N GLY A 23 0.38 9.64 -6.41
CA GLY A 23 -0.08 10.18 -7.68
C GLY A 23 -1.05 11.33 -7.52
N VAL A 24 -1.62 11.46 -6.33
CA VAL A 24 -2.58 12.53 -6.06
C VAL A 24 -1.86 13.85 -5.77
N MET A 25 -0.63 13.75 -5.30
CA MET A 25 0.17 14.93 -4.99
C MET A 25 0.44 15.73 -6.25
N VAL A 26 0.74 15.01 -7.34
CA VAL A 26 1.02 15.63 -8.63
C VAL A 26 -0.26 15.94 -9.38
N ALA A 27 -1.31 15.16 -9.10
CA ALA A 27 -2.60 15.35 -9.76
C ALA A 27 -3.32 16.58 -9.25
N LYS A 28 -3.68 16.57 -7.97
CA LYS A 28 -4.38 17.70 -7.36
C LYS A 28 -3.60 19.00 -7.52
N LYS A 29 -2.27 18.89 -7.53
CA LYS A 29 -1.41 20.06 -7.67
C LYS A 29 -1.39 20.55 -9.12
N LYS A 30 -1.28 19.61 -10.05
CA LYS A 30 -1.24 19.95 -11.47
C LYS A 30 -2.16 19.02 -12.28
N LYS A 1 2.58 -18.49 19.89
CA LYS A 1 4.04 -18.23 19.95
C LYS A 1 4.64 -18.19 18.54
N LYS A 2 3.80 -18.44 17.54
CA LYS A 2 4.25 -18.42 16.15
C LYS A 2 4.65 -17.02 15.72
N LYS A 3 5.58 -16.94 14.77
CA LYS A 3 6.05 -15.66 14.26
C LYS A 3 4.93 -14.90 13.55
N PRO A 4 4.45 -13.78 14.14
CA PRO A 4 3.37 -12.97 13.55
C PRO A 4 3.84 -12.18 12.34
N LEU A 5 2.92 -11.96 11.39
CA LEU A 5 3.24 -11.21 10.18
C LEU A 5 2.73 -9.77 10.30
N LEU A 6 2.67 -9.28 11.53
CA LEU A 6 2.20 -7.91 11.79
C LEU A 6 3.00 -6.88 10.99
N PRO A 7 4.35 -6.92 11.04
CA PRO A 7 5.19 -5.96 10.31
C PRO A 7 4.97 -6.02 8.81
N LEU A 8 4.42 -7.14 8.34
CA LEU A 8 4.15 -7.32 6.91
C LEU A 8 2.84 -6.66 6.51
N LEU A 9 1.91 -6.58 7.46
CA LEU A 9 0.61 -5.97 7.22
C LEU A 9 0.73 -4.45 7.13
N VAL A 10 1.72 -3.90 7.82
CA VAL A 10 1.95 -2.47 7.83
C VAL A 10 2.69 -2.02 6.57
N ALA A 11 3.78 -2.73 6.25
CA ALA A 11 4.58 -2.41 5.07
C ALA A 11 3.73 -2.41 3.81
N GLY A 12 2.88 -3.43 3.67
CA GLY A 12 2.03 -3.53 2.51
C GLY A 12 0.90 -2.50 2.53
N ALA A 13 0.49 -2.11 3.73
CA ALA A 13 -0.59 -1.13 3.89
C ALA A 13 -0.15 0.23 3.35
N VAL A 14 1.13 0.55 3.48
CA VAL A 14 1.66 1.82 3.01
C VAL A 14 1.52 1.92 1.50
N LEU A 15 1.89 0.85 0.79
CA LEU A 15 1.81 0.83 -0.67
C LEU A 15 0.37 1.01 -1.14
N LEU A 16 -0.58 0.71 -0.26
CA LEU A 16 -1.99 0.83 -0.59
C LEU A 16 -2.47 2.28 -0.51
N LEU A 17 -1.92 3.03 0.45
CA LEU A 17 -2.29 4.42 0.62
C LEU A 17 -1.50 5.33 -0.31
N VAL A 18 -0.27 4.93 -0.61
CA VAL A 18 0.60 5.71 -1.48
C VAL A 18 0.38 5.42 -2.97
N ILE A 19 0.49 4.15 -3.35
CA ILE A 19 0.35 3.75 -4.75
C ILE A 19 -1.10 3.59 -5.20
N LEU A 20 -1.83 2.66 -4.58
CA LEU A 20 -3.22 2.39 -4.95
C LEU A 20 -4.07 3.66 -4.94
N VAL A 21 -3.73 4.62 -4.08
CA VAL A 21 -4.49 5.86 -4.00
C VAL A 21 -4.05 6.85 -5.09
N LEU A 22 -2.80 6.74 -5.51
CA LEU A 22 -2.25 7.63 -6.53
C LEU A 22 -2.74 7.23 -7.92
N GLY A 23 -3.01 5.94 -8.10
CA GLY A 23 -3.46 5.46 -9.40
C GLY A 23 -4.96 5.65 -9.62
N VAL A 24 -5.72 5.75 -8.53
CA VAL A 24 -7.16 5.93 -8.63
C VAL A 24 -7.54 7.39 -8.82
N MET A 25 -6.91 8.28 -8.05
CA MET A 25 -7.20 9.70 -8.14
C MET A 25 -6.86 10.25 -9.52
N VAL A 26 -5.72 9.82 -10.06
CA VAL A 26 -5.30 10.26 -11.38
C VAL A 26 -6.31 9.82 -12.45
N ALA A 27 -7.01 8.74 -12.16
CA ALA A 27 -8.01 8.20 -13.08
C ALA A 27 -9.32 8.97 -12.96
N LYS A 28 -9.71 9.28 -11.73
CA LYS A 28 -10.96 10.01 -11.48
C LYS A 28 -10.94 11.36 -12.16
N LYS A 29 -9.76 11.95 -12.28
CA LYS A 29 -9.61 13.26 -12.93
C LYS A 29 -10.08 13.21 -14.39
N LYS A 30 -9.60 12.21 -15.11
CA LYS A 30 -9.96 12.05 -16.52
C LYS A 30 -10.98 10.92 -16.68
N LYS A 1 6.62 -17.21 11.93
CA LYS A 1 7.93 -17.91 11.98
C LYS A 1 9.05 -17.01 11.49
N LYS A 2 10.20 -17.08 12.16
CA LYS A 2 11.35 -16.26 11.79
C LYS A 2 11.04 -14.77 11.91
N LYS A 3 10.44 -14.21 10.88
CA LYS A 3 10.09 -12.79 10.87
C LYS A 3 8.61 -12.61 11.19
N PRO A 4 8.27 -11.80 12.22
CA PRO A 4 6.87 -11.55 12.61
C PRO A 4 6.02 -11.09 11.43
N LEU A 5 4.74 -11.45 11.46
CA LEU A 5 3.83 -11.07 10.39
C LEU A 5 3.05 -9.80 10.76
N LEU A 6 3.50 -9.13 11.80
CA LEU A 6 2.85 -7.90 12.26
C LEU A 6 3.28 -6.69 11.40
N PRO A 7 4.60 -6.50 11.19
CA PRO A 7 5.10 -5.37 10.40
C PRO A 7 4.85 -5.57 8.91
N LEU A 8 4.35 -6.74 8.54
CA LEU A 8 4.05 -7.05 7.14
C LEU A 8 2.64 -6.60 6.77
N LEU A 9 1.68 -6.85 7.66
CA LEU A 9 0.30 -6.47 7.42
C LEU A 9 0.17 -4.97 7.24
N VAL A 10 1.05 -4.23 7.90
CA VAL A 10 1.04 -2.77 7.81
C VAL A 10 1.82 -2.28 6.59
N ALA A 11 2.82 -3.05 6.19
CA ALA A 11 3.64 -2.70 5.05
C ALA A 11 2.83 -2.68 3.77
N GLY A 12 1.77 -3.49 3.72
CA GLY A 12 0.92 -3.55 2.56
C GLY A 12 -0.09 -2.41 2.52
N ALA A 13 -0.50 -1.94 3.69
CA ALA A 13 -1.46 -0.84 3.78
C ALA A 13 -0.85 0.47 3.29
N VAL A 14 0.42 0.67 3.60
CA VAL A 14 1.12 1.88 3.18
C VAL A 14 1.13 2.01 1.66
N LEU A 15 1.65 0.98 1.00
CA LEU A 15 1.72 0.97 -0.46
C LEU A 15 0.38 1.33 -1.09
N LEU A 16 -0.70 1.03 -0.39
CA LEU A 16 -2.04 1.33 -0.88
C LEU A 16 -2.30 2.83 -0.89
N LEU A 17 -1.79 3.52 0.13
CA LEU A 17 -1.97 4.96 0.24
C LEU A 17 -1.06 5.71 -0.74
N VAL A 18 0.17 5.19 -0.91
CA VAL A 18 1.13 5.82 -1.81
C VAL A 18 0.98 5.38 -3.26
N ILE A 19 1.27 4.11 -3.53
CA ILE A 19 1.22 3.56 -4.89
C ILE A 19 -0.21 3.50 -5.46
N LEU A 20 -1.08 2.73 -4.82
CA LEU A 20 -2.45 2.56 -5.30
C LEU A 20 -3.13 3.92 -5.56
N VAL A 21 -3.15 4.78 -4.54
CA VAL A 21 -3.77 6.10 -4.68
C VAL A 21 -3.18 6.87 -5.85
N LEU A 22 -1.94 6.54 -6.23
CA LEU A 22 -1.29 7.21 -7.35
C LEU A 22 -1.83 6.69 -8.68
N GLY A 23 -2.20 5.41 -8.71
CA GLY A 23 -2.72 4.80 -9.92
C GLY A 23 -4.20 5.06 -10.12
N VAL A 24 -4.91 5.46 -9.06
CA VAL A 24 -6.34 5.72 -9.15
C VAL A 24 -6.64 6.75 -10.24
N MET A 25 -5.67 7.59 -10.54
CA MET A 25 -5.83 8.62 -11.57
C MET A 25 -6.18 7.99 -12.91
N VAL A 26 -5.49 6.90 -13.24
CA VAL A 26 -5.72 6.20 -14.50
C VAL A 26 -6.90 5.24 -14.39
N ALA A 27 -7.08 4.66 -13.21
CA ALA A 27 -8.16 3.72 -12.97
C ALA A 27 -9.53 4.37 -13.17
N LYS A 28 -9.83 5.36 -12.33
CA LYS A 28 -11.10 6.07 -12.41
C LYS A 28 -11.31 6.69 -13.79
N LYS A 29 -10.21 7.05 -14.43
CA LYS A 29 -10.28 7.66 -15.77
C LYS A 29 -10.74 6.64 -16.81
N LYS A 30 -10.29 5.41 -16.66
CA LYS A 30 -10.66 4.34 -17.57
C LYS A 30 -11.94 3.64 -17.12
N LYS A 1 9.10 -19.58 9.31
CA LYS A 1 9.78 -19.38 10.62
C LYS A 1 10.70 -18.16 10.57
N LYS A 2 10.17 -17.04 10.08
CA LYS A 2 10.94 -15.81 9.97
C LYS A 2 10.36 -14.73 10.89
N LYS A 3 10.67 -13.47 10.59
CA LYS A 3 10.17 -12.35 11.38
C LYS A 3 8.65 -12.39 11.51
N PRO A 4 8.08 -11.74 12.53
CA PRO A 4 6.63 -11.71 12.76
C PRO A 4 5.86 -11.29 11.51
N LEU A 5 4.58 -11.63 11.47
CA LEU A 5 3.73 -11.29 10.34
C LEU A 5 2.99 -9.98 10.57
N LEU A 6 3.34 -9.31 11.67
CA LEU A 6 2.71 -8.04 12.02
C LEU A 6 3.19 -6.90 11.13
N PRO A 7 4.52 -6.73 10.94
CA PRO A 7 5.06 -5.65 10.10
C PRO A 7 4.70 -5.82 8.63
N LEU A 8 4.29 -7.03 8.26
CA LEU A 8 3.91 -7.32 6.89
C LEU A 8 2.58 -6.66 6.53
N LEU A 9 1.62 -6.74 7.44
CA LEU A 9 0.30 -6.14 7.23
C LEU A 9 0.41 -4.63 7.10
N VAL A 10 1.32 -4.04 7.86
CA VAL A 10 1.53 -2.60 7.83
C VAL A 10 2.20 -2.17 6.54
N ALA A 11 3.19 -2.95 6.10
CA ALA A 11 3.92 -2.66 4.87
C ALA A 11 2.96 -2.61 3.68
N GLY A 12 2.00 -3.52 3.67
CA GLY A 12 1.03 -3.56 2.58
C GLY A 12 0.06 -2.39 2.64
N ALA A 13 -0.11 -1.84 3.84
CA ALA A 13 -1.01 -0.70 4.03
C ALA A 13 -0.40 0.57 3.48
N VAL A 14 0.92 0.68 3.59
CA VAL A 14 1.63 1.86 3.11
C VAL A 14 1.54 1.97 1.59
N LEU A 15 1.82 0.87 0.91
CA LEU A 15 1.76 0.83 -0.55
C LEU A 15 0.34 1.03 -1.04
N LEU A 16 -0.63 0.74 -0.18
CA LEU A 16 -2.04 0.88 -0.53
C LEU A 16 -2.44 2.35 -0.57
N LEU A 17 -1.91 3.12 0.37
CA LEU A 17 -2.21 4.54 0.45
C LEU A 17 -1.30 5.38 -0.44
N VAL A 18 -0.06 4.95 -0.61
CA VAL A 18 0.90 5.71 -1.42
C VAL A 18 0.82 5.37 -2.92
N ILE A 19 0.78 4.09 -3.26
CA ILE A 19 0.75 3.67 -4.67
C ILE A 19 -0.65 3.69 -5.26
N LEU A 20 -1.56 2.89 -4.71
CA LEU A 20 -2.93 2.80 -5.22
C LEU A 20 -3.59 4.18 -5.30
N VAL A 21 -3.58 4.91 -4.19
CA VAL A 21 -4.21 6.22 -4.14
C VAL A 21 -3.56 7.19 -5.15
N LEU A 22 -2.30 6.96 -5.47
CA LEU A 22 -1.59 7.81 -6.42
C LEU A 22 -1.93 7.44 -7.85
N GLY A 23 -2.33 6.20 -8.06
CA GLY A 23 -2.68 5.73 -9.39
C GLY A 23 -4.10 6.10 -9.79
N VAL A 24 -4.96 6.31 -8.81
CA VAL A 24 -6.35 6.66 -9.06
C VAL A 24 -6.51 8.16 -9.32
N MET A 25 -5.84 8.98 -8.51
CA MET A 25 -5.92 10.43 -8.64
C MET A 25 -5.38 10.88 -9.99
N VAL A 26 -4.24 10.31 -10.40
CA VAL A 26 -3.63 10.65 -11.67
C VAL A 26 -4.51 10.22 -12.84
N ALA A 27 -5.35 9.22 -12.59
CA ALA A 27 -6.24 8.70 -13.62
C ALA A 27 -7.49 9.57 -13.77
N LYS A 28 -8.17 9.83 -12.65
CA LYS A 28 -9.38 10.65 -12.68
C LYS A 28 -9.04 12.10 -13.01
N LYS A 29 -7.76 12.44 -12.96
CA LYS A 29 -7.30 13.79 -13.26
C LYS A 29 -7.08 13.96 -14.75
N LYS A 30 -6.27 13.07 -15.33
CA LYS A 30 -5.98 13.12 -16.77
C LYS A 30 -6.80 12.08 -17.52
N LYS A 1 12.22 -16.50 18.99
CA LYS A 1 13.27 -16.82 17.98
C LYS A 1 12.65 -17.09 16.61
N LYS A 2 11.55 -16.39 16.33
CA LYS A 2 10.85 -16.55 15.05
C LYS A 2 10.59 -15.19 14.40
N LYS A 3 10.62 -15.16 13.07
CA LYS A 3 10.39 -13.93 12.34
C LYS A 3 8.97 -13.41 12.57
N PRO A 4 8.82 -12.08 12.77
CA PRO A 4 7.51 -11.47 13.00
C PRO A 4 6.67 -11.37 11.73
N LEU A 5 5.37 -11.14 11.90
CA LEU A 5 4.46 -11.03 10.77
C LEU A 5 3.65 -9.73 10.86
N LEU A 6 3.91 -8.96 11.91
CA LEU A 6 3.21 -7.70 12.12
C LEU A 6 3.58 -6.66 11.07
N PRO A 7 4.89 -6.46 10.77
CA PRO A 7 5.34 -5.48 9.77
C PRO A 7 4.84 -5.82 8.37
N LEU A 8 4.15 -6.95 8.24
CA LEU A 8 3.63 -7.38 6.95
C LEU A 8 2.22 -6.84 6.70
N LEU A 9 1.42 -6.78 7.75
CA LEU A 9 0.05 -6.28 7.63
C LEU A 9 0.01 -4.76 7.46
N VAL A 10 1.03 -4.09 8.00
CA VAL A 10 1.11 -2.64 7.90
C VAL A 10 1.77 -2.20 6.61
N ALA A 11 2.68 -3.02 6.11
CA ALA A 11 3.39 -2.72 4.86
C ALA A 11 2.43 -2.69 3.68
N GLY A 12 1.50 -3.63 3.65
CA GLY A 12 0.54 -3.70 2.57
C GLY A 12 -0.42 -2.53 2.58
N ALA A 13 -0.51 -1.84 3.71
CA ALA A 13 -1.40 -0.69 3.85
C ALA A 13 -0.75 0.58 3.32
N VAL A 14 0.53 0.76 3.63
CA VAL A 14 1.26 1.94 3.20
C VAL A 14 1.35 2.00 1.67
N LEU A 15 1.69 0.88 1.05
CA LEU A 15 1.82 0.80 -0.41
C LEU A 15 0.48 1.03 -1.09
N LEU A 16 -0.61 0.81 -0.36
CA LEU A 16 -1.95 0.98 -0.90
C LEU A 16 -2.31 2.47 -0.98
N LEU A 17 -1.89 3.22 0.03
CA LEU A 17 -2.19 4.66 0.08
C LEU A 17 -1.16 5.48 -0.71
N VAL A 18 0.08 5.01 -0.75
CA VAL A 18 1.15 5.72 -1.45
C VAL A 18 1.20 5.40 -2.95
N ILE A 19 1.18 4.12 -3.30
CA ILE A 19 1.28 3.69 -4.69
C ILE A 19 -0.06 3.75 -5.43
N LEU A 20 -1.03 2.96 -4.97
CA LEU A 20 -2.34 2.91 -5.62
C LEU A 20 -2.98 4.29 -5.75
N VAL A 21 -3.18 4.96 -4.63
CA VAL A 21 -3.80 6.29 -4.61
C VAL A 21 -3.06 7.27 -5.52
N LEU A 22 -1.78 7.02 -5.78
CA LEU A 22 -0.99 7.90 -6.63
C LEU A 22 -1.48 7.89 -8.07
N GLY A 23 -1.94 6.73 -8.53
CA GLY A 23 -2.43 6.62 -9.90
C GLY A 23 -3.87 7.06 -10.07
N VAL A 24 -4.61 7.16 -8.96
CA VAL A 24 -6.00 7.55 -9.01
C VAL A 24 -6.16 9.05 -9.32
N MET A 25 -5.18 9.84 -8.90
CA MET A 25 -5.24 11.28 -9.13
C MET A 25 -5.36 11.60 -10.61
N VAL A 26 -4.55 10.93 -11.43
CA VAL A 26 -4.57 11.15 -12.88
C VAL A 26 -5.66 10.32 -13.55
N ALA A 27 -5.86 9.10 -13.06
CA ALA A 27 -6.86 8.20 -13.63
C ALA A 27 -8.26 8.80 -13.57
N LYS A 28 -8.72 9.10 -12.36
CA LYS A 28 -10.06 9.66 -12.16
C LYS A 28 -10.27 10.92 -13.01
N LYS A 29 -9.18 11.56 -13.42
CA LYS A 29 -9.27 12.77 -14.24
C LYS A 29 -9.39 12.41 -15.72
N LYS A 30 -8.79 11.30 -16.11
CA LYS A 30 -8.83 10.85 -17.49
C LYS A 30 -10.17 10.18 -17.81
N LYS A 1 9.81 -17.13 20.17
CA LYS A 1 9.44 -18.27 19.30
C LYS A 1 8.19 -17.95 18.49
N LYS A 2 7.76 -16.69 18.55
CA LYS A 2 6.58 -16.25 17.81
C LYS A 2 6.83 -14.90 17.15
N LYS A 3 7.36 -14.93 15.94
CA LYS A 3 7.65 -13.71 15.19
C LYS A 3 6.35 -12.98 14.81
N PRO A 4 6.23 -11.68 15.14
CA PRO A 4 5.04 -10.90 14.83
C PRO A 4 4.85 -10.67 13.33
N LEU A 5 3.64 -10.91 12.85
CA LEU A 5 3.33 -10.73 11.43
C LEU A 5 2.72 -9.35 11.18
N LEU A 6 2.82 -8.47 12.17
CA LEU A 6 2.28 -7.12 12.07
C LEU A 6 3.03 -6.30 11.02
N PRO A 7 4.38 -6.29 11.05
CA PRO A 7 5.18 -5.52 10.08
C PRO A 7 4.82 -5.84 8.65
N LEU A 8 4.34 -7.06 8.42
CA LEU A 8 3.96 -7.49 7.08
C LEU A 8 2.60 -6.91 6.67
N LEU A 9 1.68 -6.87 7.63
CA LEU A 9 0.34 -6.35 7.38
C LEU A 9 0.38 -4.84 7.12
N VAL A 10 1.21 -4.13 7.87
CA VAL A 10 1.32 -2.68 7.71
C VAL A 10 2.15 -2.32 6.49
N ALA A 11 3.03 -3.23 6.08
CA ALA A 11 3.88 -2.99 4.93
C ALA A 11 3.06 -2.86 3.65
N GLY A 12 2.04 -3.71 3.51
CA GLY A 12 1.20 -3.66 2.33
C GLY A 12 0.20 -2.52 2.37
N ALA A 13 -0.18 -2.11 3.58
CA ALA A 13 -1.14 -1.03 3.75
C ALA A 13 -0.57 0.29 3.24
N VAL A 14 0.71 0.53 3.52
CA VAL A 14 1.37 1.76 3.11
C VAL A 14 1.37 1.90 1.58
N LEU A 15 1.61 0.78 0.89
CA LEU A 15 1.64 0.77 -0.56
C LEU A 15 0.27 1.12 -1.14
N LEU A 16 -0.77 0.94 -0.34
CA LEU A 16 -2.13 1.22 -0.78
C LEU A 16 -2.40 2.72 -0.77
N LEU A 17 -1.88 3.40 0.25
CA LEU A 17 -2.07 4.84 0.37
C LEU A 17 -1.04 5.63 -0.43
N VAL A 18 0.17 5.08 -0.56
CA VAL A 18 1.24 5.77 -1.29
C VAL A 18 1.19 5.53 -2.81
N ILE A 19 1.06 4.26 -3.22
CA ILE A 19 1.05 3.93 -4.64
C ILE A 19 -0.32 4.11 -5.29
N LEU A 20 -1.32 3.38 -4.81
CA LEU A 20 -2.67 3.45 -5.38
C LEU A 20 -3.20 4.87 -5.43
N VAL A 21 -3.28 5.52 -4.26
CA VAL A 21 -3.80 6.88 -4.17
C VAL A 21 -3.17 7.84 -5.18
N LEU A 22 -1.95 7.53 -5.60
CA LEU A 22 -1.27 8.38 -6.58
C LEU A 22 -1.73 8.04 -7.99
N GLY A 23 -2.07 6.77 -8.21
CA GLY A 23 -2.52 6.33 -9.52
C GLY A 23 -4.00 6.59 -9.74
N VAL A 24 -4.75 6.82 -8.66
CA VAL A 24 -6.18 7.08 -8.75
C VAL A 24 -6.48 8.20 -9.74
N MET A 25 -5.54 9.12 -9.88
CA MET A 25 -5.70 10.25 -10.79
C MET A 25 -5.98 9.77 -12.21
N VAL A 26 -5.24 8.75 -12.64
CA VAL A 26 -5.40 8.19 -13.98
C VAL A 26 -6.53 7.17 -13.99
N ALA A 27 -6.80 6.56 -12.83
CA ALA A 27 -7.84 5.56 -12.71
C ALA A 27 -9.22 6.16 -12.96
N LYS A 28 -9.61 7.11 -12.12
CA LYS A 28 -10.91 7.77 -12.24
C LYS A 28 -11.06 8.41 -13.61
N LYS A 29 -9.94 8.80 -14.21
CA LYS A 29 -9.95 9.44 -15.52
C LYS A 29 -10.22 8.40 -16.61
N LYS A 30 -9.66 7.21 -16.45
CA LYS A 30 -9.84 6.13 -17.42
C LYS A 30 -11.04 5.27 -17.05
N LYS A 1 10.49 -19.74 11.96
CA LYS A 1 9.25 -20.56 12.10
C LYS A 1 8.24 -19.85 13.00
N LYS A 2 8.70 -19.38 14.15
CA LYS A 2 7.83 -18.69 15.09
C LYS A 2 7.99 -17.17 14.95
N LYS A 3 7.90 -16.69 13.71
CA LYS A 3 8.03 -15.27 13.44
C LYS A 3 6.67 -14.64 13.13
N PRO A 4 6.44 -13.39 13.58
CA PRO A 4 5.18 -12.69 13.35
C PRO A 4 5.10 -12.11 11.94
N LEU A 5 3.88 -12.02 11.41
CA LEU A 5 3.67 -11.48 10.07
C LEU A 5 2.98 -10.12 10.13
N LEU A 6 2.99 -9.53 11.33
CA LEU A 6 2.37 -8.22 11.53
C LEU A 6 3.05 -7.12 10.70
N PRO A 7 4.40 -7.05 10.72
CA PRO A 7 5.14 -6.03 9.96
C PRO A 7 4.77 -6.03 8.48
N LEU A 8 4.20 -7.14 8.01
CA LEU A 8 3.80 -7.26 6.61
C LEU A 8 2.49 -6.53 6.35
N LEU A 9 1.50 -6.79 7.21
CA LEU A 9 0.18 -6.15 7.08
C LEU A 9 0.31 -4.63 7.09
N VAL A 10 1.07 -4.11 8.03
CA VAL A 10 1.27 -2.66 8.15
C VAL A 10 2.07 -2.11 6.97
N ALA A 11 2.97 -2.93 6.43
CA ALA A 11 3.78 -2.53 5.30
C ALA A 11 2.94 -2.39 4.04
N GLY A 12 1.90 -3.21 3.94
CA GLY A 12 1.02 -3.17 2.79
C GLY A 12 0.07 -2.00 2.82
N ALA A 13 -0.36 -1.62 4.03
CA ALA A 13 -1.27 -0.49 4.20
C ALA A 13 -0.67 0.78 3.63
N VAL A 14 0.64 0.95 3.80
CA VAL A 14 1.34 2.12 3.31
C VAL A 14 1.24 2.20 1.78
N LEU A 15 1.82 1.22 1.11
CA LEU A 15 1.79 1.16 -0.35
C LEU A 15 0.36 1.19 -0.87
N LEU A 16 -0.57 0.80 -0.01
CA LEU A 16 -1.98 0.78 -0.37
C LEU A 16 -2.47 2.18 -0.70
N LEU A 17 -2.06 3.15 0.11
CA LEU A 17 -2.46 4.54 -0.09
C LEU A 17 -1.54 5.25 -1.08
N VAL A 18 -0.31 4.77 -1.19
CA VAL A 18 0.66 5.38 -2.10
C VAL A 18 0.56 4.86 -3.53
N ILE A 19 0.90 3.58 -3.70
CA ILE A 19 0.90 2.96 -5.03
C ILE A 19 -0.50 2.58 -5.52
N LEU A 20 -1.19 1.70 -4.78
CA LEU A 20 -2.51 1.23 -5.18
C LEU A 20 -3.47 2.38 -5.54
N VAL A 21 -3.26 3.54 -4.93
CA VAL A 21 -4.12 4.69 -5.20
C VAL A 21 -3.78 5.35 -6.54
N LEU A 22 -2.50 5.33 -6.89
CA LEU A 22 -2.07 5.93 -8.16
C LEU A 22 -2.32 5.00 -9.33
N GLY A 23 -2.48 3.71 -9.04
CA GLY A 23 -2.73 2.73 -10.09
C GLY A 23 -4.18 2.68 -10.51
N VAL A 24 -5.09 3.04 -9.61
CA VAL A 24 -6.52 3.01 -9.90
C VAL A 24 -6.97 4.28 -10.62
N MET A 25 -6.47 5.43 -10.17
CA MET A 25 -6.82 6.71 -10.77
C MET A 25 -6.31 6.82 -12.20
N VAL A 26 -5.07 6.38 -12.42
CA VAL A 26 -4.48 6.42 -13.75
C VAL A 26 -5.29 5.58 -14.74
N ALA A 27 -5.96 4.56 -14.21
CA ALA A 27 -6.77 3.68 -15.04
C ALA A 27 -8.13 4.30 -15.34
N LYS A 28 -8.74 4.90 -14.33
CA LYS A 28 -10.05 5.54 -14.49
C LYS A 28 -9.98 6.69 -15.48
N LYS A 29 -8.85 7.39 -15.51
CA LYS A 29 -8.66 8.52 -16.41
C LYS A 29 -8.18 8.05 -17.77
N LYS A 30 -7.95 6.75 -17.90
CA LYS A 30 -7.48 6.17 -19.16
C LYS A 30 -8.49 5.15 -19.69
N LYS A 1 4.16 -21.63 6.77
CA LYS A 1 4.42 -20.27 7.29
C LYS A 1 5.13 -20.32 8.64
N LYS A 2 6.10 -19.42 8.82
CA LYS A 2 6.85 -19.36 10.06
C LYS A 2 7.31 -17.92 10.35
N LYS A 3 6.93 -17.02 9.47
CA LYS A 3 7.30 -15.61 9.61
C LYS A 3 6.11 -14.78 10.10
N PRO A 4 6.36 -13.73 10.90
CA PRO A 4 5.29 -12.87 11.41
C PRO A 4 4.75 -11.91 10.35
N LEU A 5 3.43 -11.86 10.21
CA LEU A 5 2.80 -10.99 9.23
C LEU A 5 2.45 -9.64 9.86
N LEU A 6 2.81 -9.47 11.12
CA LEU A 6 2.55 -8.22 11.83
C LEU A 6 3.18 -7.02 11.12
N PRO A 7 4.50 -7.09 10.79
CA PRO A 7 5.19 -5.99 10.11
C PRO A 7 4.80 -5.86 8.64
N LEU A 8 4.41 -6.98 8.04
CA LEU A 8 4.01 -6.99 6.63
C LEU A 8 2.66 -6.31 6.43
N LEU A 9 1.88 -6.22 7.51
CA LEU A 9 0.56 -5.59 7.43
C LEU A 9 0.67 -4.07 7.39
N VAL A 10 1.49 -3.52 8.27
CA VAL A 10 1.68 -2.07 8.34
C VAL A 10 2.53 -1.59 7.16
N ALA A 11 3.46 -2.42 6.71
CA ALA A 11 4.33 -2.06 5.60
C ALA A 11 3.58 -2.14 4.27
N GLY A 12 2.67 -3.11 4.17
CA GLY A 12 1.90 -3.27 2.96
C GLY A 12 0.76 -2.28 2.85
N ALA A 13 0.15 -1.96 3.99
CA ALA A 13 -0.96 -1.01 4.02
C ALA A 13 -0.55 0.35 3.44
N VAL A 14 0.72 0.70 3.63
CA VAL A 14 1.23 1.97 3.12
C VAL A 14 1.26 1.99 1.60
N LEU A 15 1.71 0.90 1.01
CA LEU A 15 1.79 0.78 -0.45
C LEU A 15 0.41 0.86 -1.09
N LEU A 16 -0.62 0.56 -0.31
CA LEU A 16 -1.99 0.60 -0.81
C LEU A 16 -2.50 2.04 -0.93
N LEU A 17 -2.14 2.87 0.05
CA LEU A 17 -2.58 4.26 0.06
C LEU A 17 -1.66 5.14 -0.78
N VAL A 18 -0.38 4.78 -0.87
CA VAL A 18 0.60 5.57 -1.62
C VAL A 18 0.63 5.22 -3.11
N ILE A 19 0.77 3.93 -3.42
CA ILE A 19 0.87 3.48 -4.81
C ILE A 19 -0.49 3.33 -5.49
N LEU A 20 -1.34 2.44 -4.97
CA LEU A 20 -2.64 2.18 -5.56
C LEU A 20 -3.47 3.45 -5.73
N VAL A 21 -3.68 4.18 -4.64
CA VAL A 21 -4.47 5.42 -4.68
C VAL A 21 -3.96 6.38 -5.74
N LEU A 22 -2.65 6.44 -5.93
CA LEU A 22 -2.06 7.32 -6.92
C LEU A 22 -2.10 6.72 -8.31
N GLY A 23 -2.22 5.39 -8.37
CA GLY A 23 -2.25 4.69 -9.65
C GLY A 23 -3.62 4.67 -10.30
N VAL A 24 -4.67 4.64 -9.49
CA VAL A 24 -6.04 4.59 -10.01
C VAL A 24 -6.35 5.82 -10.87
N MET A 25 -5.89 6.99 -10.45
CA MET A 25 -6.14 8.22 -11.18
C MET A 25 -5.47 8.20 -12.56
N VAL A 26 -4.18 7.88 -12.58
CA VAL A 26 -3.43 7.83 -13.83
C VAL A 26 -3.91 6.68 -14.71
N ALA A 27 -4.54 5.68 -14.09
CA ALA A 27 -5.05 4.53 -14.81
C ALA A 27 -6.37 4.84 -15.51
N LYS A 28 -7.29 5.47 -14.78
CA LYS A 28 -8.58 5.82 -15.34
C LYS A 28 -8.44 6.74 -16.55
N LYS A 29 -7.41 7.58 -16.54
CA LYS A 29 -7.17 8.52 -17.63
C LYS A 29 -6.39 7.85 -18.76
N LYS A 30 -5.39 7.04 -18.39
CA LYS A 30 -4.55 6.34 -19.37
C LYS A 30 -4.27 7.18 -20.61
N LYS A 1 6.10 -21.57 11.45
CA LYS A 1 6.21 -20.48 12.45
C LYS A 1 7.66 -20.20 12.81
N LYS A 2 8.18 -19.07 12.32
CA LYS A 2 9.56 -18.68 12.59
C LYS A 2 9.68 -17.17 12.72
N LYS A 3 9.24 -16.46 11.68
CA LYS A 3 9.29 -15.00 11.69
C LYS A 3 7.87 -14.41 11.70
N PRO A 4 7.64 -13.33 12.46
CA PRO A 4 6.32 -12.68 12.54
C PRO A 4 5.94 -11.96 11.25
N LEU A 5 4.76 -12.26 10.74
CA LEU A 5 4.28 -11.64 9.51
C LEU A 5 3.38 -10.45 9.82
N LEU A 6 3.27 -10.12 11.10
CA LEU A 6 2.44 -9.00 11.54
C LEU A 6 2.93 -7.67 10.95
N PRO A 7 4.23 -7.34 11.06
CA PRO A 7 4.78 -6.08 10.52
C PRO A 7 4.51 -5.92 9.03
N LEU A 8 4.28 -7.03 8.35
CA LEU A 8 4.01 -6.99 6.91
C LEU A 8 2.67 -6.32 6.62
N LEU A 9 1.73 -6.47 7.54
CA LEU A 9 0.40 -5.88 7.39
C LEU A 9 0.49 -4.36 7.23
N VAL A 10 1.12 -3.71 8.19
CA VAL A 10 1.28 -2.25 8.15
C VAL A 10 2.14 -1.83 6.96
N ALA A 11 3.05 -2.70 6.55
CA ALA A 11 3.93 -2.41 5.44
C ALA A 11 3.16 -2.34 4.12
N GLY A 12 2.16 -3.21 3.98
CA GLY A 12 1.36 -3.23 2.78
C GLY A 12 0.42 -2.05 2.70
N ALA A 13 0.02 -1.53 3.86
CA ALA A 13 -0.88 -0.39 3.92
C ALA A 13 -0.22 0.84 3.32
N VAL A 14 1.08 0.99 3.56
CA VAL A 14 1.83 2.12 3.05
C VAL A 14 1.76 2.18 1.52
N LEU A 15 2.05 1.05 0.88
CA LEU A 15 2.01 0.96 -0.57
C LEU A 15 0.57 1.01 -1.07
N LEU A 16 -0.37 0.66 -0.20
CA LEU A 16 -1.78 0.68 -0.55
C LEU A 16 -2.31 2.10 -0.62
N LEU A 17 -1.79 2.97 0.25
CA LEU A 17 -2.23 4.36 0.28
C LEU A 17 -1.47 5.21 -0.72
N VAL A 18 -0.19 4.90 -0.94
CA VAL A 18 0.64 5.67 -1.86
C VAL A 18 0.50 5.22 -3.32
N ILE A 19 0.66 3.92 -3.57
CA ILE A 19 0.58 3.38 -4.92
C ILE A 19 -0.85 3.12 -5.39
N LEU A 20 -1.57 2.25 -4.68
CA LEU A 20 -2.93 1.89 -5.04
C LEU A 20 -3.83 3.12 -5.22
N VAL A 21 -3.96 3.91 -4.17
CA VAL A 21 -4.80 5.12 -4.22
C VAL A 21 -4.52 5.99 -5.44
N LEU A 22 -3.31 5.90 -5.97
CA LEU A 22 -2.93 6.67 -7.14
C LEU A 22 -3.47 6.04 -8.42
N GLY A 23 -3.54 4.71 -8.42
CA GLY A 23 -4.03 3.99 -9.58
C GLY A 23 -5.55 3.92 -9.64
N VAL A 24 -6.20 4.16 -8.49
CA VAL A 24 -7.66 4.11 -8.43
C VAL A 24 -8.29 5.12 -9.37
N MET A 25 -7.56 6.17 -9.70
CA MET A 25 -8.05 7.22 -10.60
C MET A 25 -8.55 6.63 -11.91
N VAL A 26 -7.70 5.85 -12.58
CA VAL A 26 -8.05 5.24 -13.85
C VAL A 26 -8.83 3.94 -13.65
N ALA A 27 -8.52 3.23 -12.56
CA ALA A 27 -9.18 1.96 -12.26
C ALA A 27 -10.70 2.13 -12.12
N LYS A 28 -11.10 3.01 -11.20
CA LYS A 28 -12.53 3.25 -10.95
C LYS A 28 -13.26 3.59 -12.25
N LYS A 29 -12.62 4.37 -13.10
CA LYS A 29 -13.23 4.76 -14.37
C LYS A 29 -13.51 3.54 -15.24
N LYS A 30 -12.52 2.67 -15.36
CA LYS A 30 -12.65 1.45 -16.15
C LYS A 30 -13.03 1.77 -17.58
N LYS A 1 12.34 -20.13 6.80
CA LYS A 1 11.35 -19.08 6.44
C LYS A 1 10.13 -19.15 7.34
N LYS A 2 10.32 -18.85 8.62
CA LYS A 2 9.24 -18.85 9.59
C LYS A 2 8.92 -17.45 10.07
N LYS A 3 8.81 -16.52 9.12
CA LYS A 3 8.50 -15.13 9.43
C LYS A 3 7.00 -14.86 9.30
N PRO A 4 6.37 -14.29 10.34
CA PRO A 4 4.94 -13.97 10.32
C PRO A 4 4.64 -12.74 9.46
N LEU A 5 3.35 -12.54 9.16
CA LEU A 5 2.94 -11.40 8.34
C LEU A 5 2.41 -10.27 9.22
N LEU A 6 2.76 -10.29 10.50
CA LEU A 6 2.32 -9.26 11.43
C LEU A 6 2.87 -7.89 11.05
N PRO A 7 4.20 -7.77 10.81
CA PRO A 7 4.82 -6.49 10.44
C PRO A 7 4.54 -6.11 8.99
N LEU A 8 4.06 -7.09 8.21
CA LEU A 8 3.76 -6.86 6.80
C LEU A 8 2.41 -6.16 6.64
N LEU A 9 1.60 -6.20 7.70
CA LEU A 9 0.29 -5.59 7.68
C LEU A 9 0.39 -4.06 7.55
N VAL A 10 1.35 -3.48 8.25
CA VAL A 10 1.55 -2.03 8.22
C VAL A 10 2.32 -1.61 6.96
N ALA A 11 3.25 -2.46 6.53
CA ALA A 11 4.05 -2.17 5.34
C ALA A 11 3.20 -2.19 4.07
N GLY A 12 2.24 -3.11 4.02
CA GLY A 12 1.37 -3.22 2.87
C GLY A 12 0.30 -2.15 2.85
N ALA A 13 0.06 -1.53 4.01
CA ALA A 13 -0.95 -0.49 4.13
C ALA A 13 -0.45 0.83 3.53
N VAL A 14 0.86 1.04 3.62
CA VAL A 14 1.47 2.26 3.09
C VAL A 14 1.39 2.29 1.58
N LEU A 15 1.95 1.27 0.94
CA LEU A 15 1.96 1.17 -0.52
C LEU A 15 0.53 1.07 -1.07
N LEU A 16 -0.40 0.65 -0.23
CA LEU A 16 -1.78 0.52 -0.64
C LEU A 16 -2.40 1.88 -0.94
N LEU A 17 -2.13 2.84 -0.07
CA LEU A 17 -2.66 4.19 -0.23
C LEU A 17 -1.79 5.06 -1.14
N VAL A 18 -0.47 4.87 -1.06
CA VAL A 18 0.45 5.68 -1.85
C VAL A 18 0.68 5.14 -3.28
N ILE A 19 0.85 3.83 -3.41
CA ILE A 19 1.12 3.22 -4.71
C ILE A 19 -0.15 2.98 -5.53
N LEU A 20 -1.04 2.15 -5.00
CA LEU A 20 -2.28 1.81 -5.70
C LEU A 20 -3.13 3.03 -6.02
N VAL A 21 -3.56 3.75 -4.99
CA VAL A 21 -4.39 4.94 -5.16
C VAL A 21 -3.80 5.91 -6.18
N LEU A 22 -2.49 5.84 -6.38
CA LEU A 22 -1.82 6.73 -7.33
C LEU A 22 -2.00 6.24 -8.76
N GLY A 23 -1.93 4.92 -8.96
CA GLY A 23 -2.08 4.35 -10.28
C GLY A 23 -3.48 4.50 -10.85
N VAL A 24 -4.48 4.24 -10.02
CA VAL A 24 -5.88 4.33 -10.43
C VAL A 24 -6.21 5.72 -10.98
N MET A 25 -5.75 6.76 -10.28
CA MET A 25 -6.02 8.13 -10.68
C MET A 25 -5.38 8.44 -12.03
N VAL A 26 -4.08 8.20 -12.13
CA VAL A 26 -3.35 8.45 -13.38
C VAL A 26 -3.97 7.65 -14.52
N ALA A 27 -4.62 6.54 -14.18
CA ALA A 27 -5.26 5.69 -15.18
C ALA A 27 -6.56 6.34 -15.69
N LYS A 28 -7.34 6.89 -14.78
CA LYS A 28 -8.60 7.54 -15.15
C LYS A 28 -8.34 8.78 -16.01
N LYS A 29 -7.09 9.22 -16.06
CA LYS A 29 -6.71 10.38 -16.85
C LYS A 29 -6.40 9.99 -18.29
N LYS A 30 -5.55 8.98 -18.44
CA LYS A 30 -5.16 8.50 -19.77
C LYS A 30 -5.45 7.02 -19.92
N LYS A 1 17.29 -9.55 14.06
CA LYS A 1 17.44 -10.87 14.74
C LYS A 1 16.21 -11.73 14.54
N LYS A 2 15.07 -11.27 15.06
CA LYS A 2 13.82 -12.01 14.94
C LYS A 2 12.75 -11.15 14.30
N LYS A 3 12.84 -10.96 12.98
CA LYS A 3 11.87 -10.16 12.24
C LYS A 3 10.47 -10.77 12.33
N PRO A 4 9.53 -10.08 13.02
CA PRO A 4 8.15 -10.58 13.16
C PRO A 4 7.36 -10.44 11.87
N LEU A 5 6.31 -11.24 11.75
CA LEU A 5 5.45 -11.22 10.58
C LEU A 5 4.28 -10.26 10.76
N LEU A 6 4.36 -9.43 11.79
CA LEU A 6 3.32 -8.46 12.08
C LEU A 6 3.43 -7.21 11.19
N PRO A 7 4.63 -6.59 11.09
CA PRO A 7 4.83 -5.40 10.27
C PRO A 7 4.71 -5.69 8.77
N LEU A 8 4.76 -6.96 8.41
CA LEU A 8 4.65 -7.37 7.02
C LEU A 8 3.20 -7.27 6.54
N LEU A 9 2.27 -7.20 7.48
CA LEU A 9 0.86 -7.09 7.16
C LEU A 9 0.47 -5.64 6.93
N VAL A 10 1.01 -4.75 7.76
CA VAL A 10 0.72 -3.32 7.64
C VAL A 10 1.48 -2.71 6.47
N ALA A 11 2.54 -3.38 6.05
CA ALA A 11 3.36 -2.90 4.93
C ALA A 11 2.51 -2.69 3.68
N GLY A 12 1.57 -3.62 3.45
CA GLY A 12 0.71 -3.53 2.29
C GLY A 12 -0.20 -2.30 2.34
N ALA A 13 -0.51 -1.87 3.56
CA ALA A 13 -1.37 -0.70 3.74
C ALA A 13 -0.65 0.58 3.31
N VAL A 14 0.67 0.57 3.44
CA VAL A 14 1.47 1.73 3.05
C VAL A 14 1.47 1.91 1.54
N LEU A 15 1.54 0.81 0.81
CA LEU A 15 1.55 0.85 -0.65
C LEU A 15 0.18 1.28 -1.19
N LEU A 16 -0.85 1.11 -0.37
CA LEU A 16 -2.19 1.48 -0.77
C LEU A 16 -2.36 3.00 -0.77
N LEU A 17 -1.73 3.64 0.20
CA LEU A 17 -1.81 5.09 0.33
C LEU A 17 -0.76 5.80 -0.53
N VAL A 18 0.42 5.20 -0.68
CA VAL A 18 1.49 5.81 -1.46
C VAL A 18 1.40 5.51 -2.95
N ILE A 19 1.18 4.25 -3.32
CA ILE A 19 1.11 3.85 -4.72
C ILE A 19 -0.26 4.10 -5.36
N LEU A 20 -1.29 3.44 -4.84
CA LEU A 20 -2.64 3.57 -5.39
C LEU A 20 -3.09 5.03 -5.45
N VAL A 21 -3.04 5.72 -4.31
CA VAL A 21 -3.45 7.12 -4.25
C VAL A 21 -2.69 7.98 -5.25
N LEU A 22 -1.42 7.67 -5.46
CA LEU A 22 -0.59 8.43 -6.39
C LEU A 22 -0.94 8.07 -7.83
N GLY A 23 -1.46 6.87 -8.03
CA GLY A 23 -1.84 6.41 -9.36
C GLY A 23 -3.21 6.89 -9.80
N VAL A 24 -4.08 7.15 -8.84
CA VAL A 24 -5.43 7.61 -9.15
C VAL A 24 -5.47 9.12 -9.43
N MET A 25 -4.79 9.89 -8.59
CA MET A 25 -4.76 11.34 -8.75
C MET A 25 -4.15 11.73 -10.10
N VAL A 26 -3.10 11.03 -10.49
CA VAL A 26 -2.44 11.30 -11.75
C VAL A 26 -3.30 10.85 -12.92
N ALA A 27 -4.21 9.92 -12.65
CA ALA A 27 -5.12 9.40 -13.66
C ALA A 27 -6.28 10.35 -13.89
N LYS A 28 -6.81 10.90 -12.81
CA LYS A 28 -7.93 11.83 -12.89
C LYS A 28 -7.45 13.21 -13.35
N LYS A 29 -6.14 13.35 -13.52
CA LYS A 29 -5.55 14.62 -13.94
C LYS A 29 -5.30 14.61 -15.44
N LYS A 30 -5.21 13.41 -16.01
CA LYS A 30 -4.97 13.26 -17.45
C LYS A 30 -6.27 13.40 -18.24
N LYS A 1 8.75 -18.45 20.51
CA LYS A 1 8.72 -17.28 19.60
C LYS A 1 8.37 -17.70 18.17
N LYS A 2 7.58 -16.87 17.49
CA LYS A 2 7.17 -17.15 16.12
C LYS A 2 7.47 -15.98 15.21
N LYS A 3 6.93 -16.02 14.00
CA LYS A 3 7.13 -14.96 13.02
C LYS A 3 5.85 -14.18 12.79
N PRO A 4 5.66 -13.05 13.51
CA PRO A 4 4.46 -12.21 13.37
C PRO A 4 4.29 -11.67 11.95
N LEU A 5 3.05 -11.70 11.46
CA LEU A 5 2.76 -11.22 10.12
C LEU A 5 2.31 -9.76 10.16
N LEU A 6 2.23 -9.21 11.37
CA LEU A 6 1.80 -7.83 11.57
C LEU A 6 2.71 -6.84 10.82
N PRO A 7 4.05 -6.97 10.96
CA PRO A 7 5.00 -6.07 10.28
C PRO A 7 4.74 -5.99 8.78
N LEU A 8 4.36 -7.11 8.18
CA LEU A 8 4.09 -7.16 6.75
C LEU A 8 2.74 -6.52 6.42
N LEU A 9 1.84 -6.51 7.40
CA LEU A 9 0.52 -5.92 7.21
C LEU A 9 0.61 -4.40 7.19
N VAL A 10 1.25 -3.83 8.21
CA VAL A 10 1.40 -2.38 8.31
C VAL A 10 2.28 -1.84 7.18
N ALA A 11 3.22 -2.67 6.72
CA ALA A 11 4.12 -2.29 5.64
C ALA A 11 3.36 -2.19 4.32
N GLY A 12 2.49 -3.16 4.08
CA GLY A 12 1.71 -3.16 2.85
C GLY A 12 0.74 -2.00 2.79
N ALA A 13 0.18 -1.65 3.94
CA ALA A 13 -0.77 -0.54 4.01
C ALA A 13 -0.15 0.76 3.52
N VAL A 14 1.17 0.87 3.67
CA VAL A 14 1.88 2.06 3.23
C VAL A 14 1.83 2.19 1.71
N LEU A 15 2.06 1.08 1.01
CA LEU A 15 2.05 1.07 -0.45
C LEU A 15 0.62 1.07 -0.99
N LEU A 16 -0.33 0.65 -0.15
CA LEU A 16 -1.72 0.59 -0.55
C LEU A 16 -2.33 2.00 -0.63
N LEU A 17 -1.92 2.88 0.27
CA LEU A 17 -2.44 4.23 0.30
C LEU A 17 -1.74 5.13 -0.72
N VAL A 18 -0.46 4.86 -0.97
CA VAL A 18 0.32 5.66 -1.91
C VAL A 18 0.16 5.19 -3.37
N ILE A 19 0.32 3.88 -3.60
CA ILE A 19 0.24 3.32 -4.95
C ILE A 19 -1.20 3.07 -5.41
N LEU A 20 -1.93 2.23 -4.67
CA LEU A 20 -3.30 1.87 -5.04
C LEU A 20 -4.22 3.08 -5.14
N VAL A 21 -4.33 3.84 -4.05
CA VAL A 21 -5.19 5.02 -4.01
C VAL A 21 -4.89 5.97 -5.17
N LEU A 22 -3.61 6.10 -5.52
CA LEU A 22 -3.20 6.97 -6.61
C LEU A 22 -3.41 6.29 -7.97
N GLY A 23 -3.49 4.97 -7.95
CA GLY A 23 -3.69 4.22 -9.18
C GLY A 23 -5.13 4.21 -9.63
N VAL A 24 -6.05 4.35 -8.70
CA VAL A 24 -7.48 4.36 -9.01
C VAL A 24 -7.93 5.74 -9.46
N MET A 25 -7.40 6.78 -8.83
CA MET A 25 -7.74 8.16 -9.17
C MET A 25 -7.32 8.49 -10.60
N VAL A 26 -6.09 8.14 -10.93
CA VAL A 26 -5.56 8.41 -12.27
C VAL A 26 -6.25 7.53 -13.31
N ALA A 27 -6.73 6.37 -12.86
CA ALA A 27 -7.41 5.43 -13.75
C ALA A 27 -8.80 5.95 -14.13
N LYS A 28 -9.54 6.43 -13.13
CA LYS A 28 -10.88 6.95 -13.36
C LYS A 28 -10.81 8.27 -14.13
N LYS A 29 -9.62 8.84 -14.24
CA LYS A 29 -9.42 10.10 -14.94
C LYS A 29 -9.38 9.88 -16.45
N LYS A 30 -8.56 8.93 -16.89
CA LYS A 30 -8.42 8.62 -18.30
C LYS A 30 -9.61 7.80 -18.79
N LYS A 1 10.22 -19.48 18.51
CA LYS A 1 10.69 -19.59 17.10
C LYS A 1 9.50 -19.52 16.13
N LYS A 2 9.11 -18.31 15.76
CA LYS A 2 7.99 -18.11 14.85
C LYS A 2 8.18 -16.83 14.05
N LYS A 3 7.74 -16.85 12.79
CA LYS A 3 7.85 -15.69 11.91
C LYS A 3 6.59 -14.83 11.99
N PRO A 4 6.66 -13.65 12.63
CA PRO A 4 5.50 -12.75 12.76
C PRO A 4 5.11 -12.12 11.43
N LEU A 5 3.82 -11.92 11.24
CA LEU A 5 3.30 -11.31 10.02
C LEU A 5 2.76 -9.92 10.29
N LEU A 6 3.04 -9.40 11.48
CA LEU A 6 2.58 -8.07 11.88
C LEU A 6 3.19 -6.98 10.98
N PRO A 7 4.52 -6.98 10.78
CA PRO A 7 5.17 -5.97 9.94
C PRO A 7 4.80 -6.10 8.48
N LEU A 8 4.20 -7.23 8.12
CA LEU A 8 3.79 -7.48 6.74
C LEU A 8 2.45 -6.81 6.44
N LEU A 9 1.72 -6.45 7.49
CA LEU A 9 0.43 -5.80 7.34
C LEU A 9 0.60 -4.29 7.17
N VAL A 10 1.40 -3.69 8.05
CA VAL A 10 1.65 -2.25 8.00
C VAL A 10 2.34 -1.86 6.69
N ALA A 11 3.07 -2.80 6.10
CA ALA A 11 3.78 -2.56 4.86
C ALA A 11 2.81 -2.52 3.68
N GLY A 12 1.86 -3.45 3.67
CA GLY A 12 0.88 -3.51 2.60
C GLY A 12 -0.16 -2.41 2.70
N ALA A 13 -0.17 -1.71 3.83
CA ALA A 13 -1.12 -0.62 4.05
C ALA A 13 -0.61 0.68 3.45
N VAL A 14 0.64 1.01 3.76
CA VAL A 14 1.24 2.24 3.26
C VAL A 14 1.31 2.24 1.73
N LEU A 15 1.75 1.12 1.16
CA LEU A 15 1.87 0.98 -0.29
C LEU A 15 0.50 1.01 -0.94
N LEU A 16 -0.54 0.71 -0.18
CA LEU A 16 -1.90 0.69 -0.70
C LEU A 16 -2.41 2.12 -0.89
N LEU A 17 -2.05 3.00 0.03
CA LEU A 17 -2.48 4.39 -0.03
C LEU A 17 -1.56 5.24 -0.90
N VAL A 18 -0.27 4.91 -0.91
CA VAL A 18 0.71 5.68 -1.68
C VAL A 18 0.81 5.22 -3.15
N ILE A 19 0.96 3.91 -3.36
CA ILE A 19 1.10 3.38 -4.71
C ILE A 19 -0.24 3.17 -5.41
N LEU A 20 -1.09 2.32 -4.85
CA LEU A 20 -2.39 2.03 -5.44
C LEU A 20 -3.17 3.30 -5.76
N VAL A 21 -3.49 4.06 -4.71
CA VAL A 21 -4.25 5.31 -4.86
C VAL A 21 -3.61 6.24 -5.89
N LEU A 22 -2.31 6.11 -6.10
CA LEU A 22 -1.60 6.95 -7.06
C LEU A 22 -1.95 6.56 -8.49
N GLY A 23 -2.16 5.26 -8.71
CA GLY A 23 -2.50 4.77 -10.04
C GLY A 23 -3.97 4.93 -10.37
N VAL A 24 -4.80 5.13 -9.36
CA VAL A 24 -6.24 5.28 -9.58
C VAL A 24 -6.56 6.63 -10.22
N MET A 25 -5.69 7.61 -10.01
CA MET A 25 -5.90 8.94 -10.56
C MET A 25 -5.66 8.95 -12.06
N VAL A 26 -4.64 8.23 -12.51
CA VAL A 26 -4.31 8.16 -13.94
C VAL A 26 -5.15 7.10 -14.65
N ALA A 27 -5.58 6.08 -13.92
CA ALA A 27 -6.37 5.00 -14.50
C ALA A 27 -7.84 5.39 -14.66
N LYS A 28 -8.51 5.65 -13.55
CA LYS A 28 -9.92 6.01 -13.58
C LYS A 28 -10.17 7.26 -14.42
N LYS A 29 -9.15 8.11 -14.52
CA LYS A 29 -9.27 9.35 -15.31
C LYS A 29 -8.96 9.09 -16.78
N LYS A 30 -8.08 8.12 -17.03
CA LYS A 30 -7.66 7.76 -18.39
C LYS A 30 -7.57 8.98 -19.30
N LYS A 1 14.88 -12.10 11.85
CA LYS A 1 15.29 -13.38 11.22
C LYS A 1 14.30 -14.49 11.53
N LYS A 2 13.25 -14.15 12.26
CA LYS A 2 12.23 -15.12 12.63
C LYS A 2 11.01 -14.42 13.23
N LYS A 3 10.91 -13.11 13.01
CA LYS A 3 9.80 -12.34 13.53
C LYS A 3 8.52 -12.64 12.75
N PRO A 4 7.34 -12.42 13.37
CA PRO A 4 6.05 -12.69 12.72
C PRO A 4 5.84 -11.80 11.49
N LEU A 5 4.80 -12.12 10.71
CA LEU A 5 4.49 -11.37 9.51
C LEU A 5 3.63 -10.14 9.85
N LEU A 6 3.75 -9.68 11.09
CA LEU A 6 2.99 -8.52 11.54
C LEU A 6 3.42 -7.24 10.81
N PRO A 7 4.74 -6.95 10.73
CA PRO A 7 5.23 -5.74 10.05
C PRO A 7 4.78 -5.67 8.58
N LEU A 8 4.40 -6.82 8.03
CA LEU A 8 3.95 -6.88 6.64
C LEU A 8 2.49 -6.43 6.52
N LEU A 9 1.72 -6.65 7.60
CA LEU A 9 0.32 -6.27 7.60
C LEU A 9 0.16 -4.75 7.47
N VAL A 10 1.05 -4.01 8.11
CA VAL A 10 1.02 -2.55 8.06
C VAL A 10 1.75 -2.04 6.82
N ALA A 11 2.65 -2.86 6.29
CA ALA A 11 3.42 -2.49 5.11
C ALA A 11 2.51 -2.38 3.88
N GLY A 12 1.45 -3.18 3.86
CA GLY A 12 0.52 -3.17 2.74
C GLY A 12 -0.37 -1.95 2.76
N ALA A 13 -0.69 -1.47 3.95
CA ALA A 13 -1.54 -0.30 4.10
C ALA A 13 -0.91 0.93 3.46
N VAL A 14 0.38 1.13 3.76
CA VAL A 14 1.12 2.27 3.21
C VAL A 14 1.28 2.13 1.70
N LEU A 15 1.52 0.90 1.25
CA LEU A 15 1.71 0.63 -0.18
C LEU A 15 0.42 0.86 -0.97
N LEU A 16 -0.71 0.81 -0.26
CA LEU A 16 -2.01 1.00 -0.90
C LEU A 16 -2.32 2.49 -1.05
N LEU A 17 -1.87 3.28 -0.08
CA LEU A 17 -2.11 4.72 -0.10
C LEU A 17 -1.04 5.46 -0.93
N VAL A 18 0.17 4.91 -0.97
CA VAL A 18 1.27 5.54 -1.69
C VAL A 18 1.31 5.17 -3.18
N ILE A 19 1.14 3.88 -3.50
CA ILE A 19 1.19 3.42 -4.89
C ILE A 19 -0.13 3.61 -5.64
N LEU A 20 -1.22 3.07 -5.07
CA LEU A 20 -2.53 3.15 -5.72
C LEU A 20 -3.05 4.59 -5.84
N VAL A 21 -3.24 5.24 -4.69
CA VAL A 21 -3.76 6.60 -4.66
C VAL A 21 -2.99 7.53 -5.59
N LEU A 22 -1.68 7.39 -5.62
CA LEU A 22 -0.85 8.23 -6.49
C LEU A 22 -0.82 7.70 -7.92
N GLY A 23 -1.17 6.42 -8.08
CA GLY A 23 -1.17 5.80 -9.40
C GLY A 23 -2.38 6.19 -10.24
N VAL A 24 -3.50 6.45 -9.57
CA VAL A 24 -4.73 6.82 -10.27
C VAL A 24 -4.65 8.25 -10.82
N MET A 25 -4.06 9.14 -10.03
CA MET A 25 -3.94 10.54 -10.43
C MET A 25 -2.95 10.71 -11.56
N VAL A 26 -1.77 10.11 -11.43
CA VAL A 26 -0.75 10.19 -12.45
C VAL A 26 -1.23 9.57 -13.76
N ALA A 27 -2.19 8.66 -13.65
CA ALA A 27 -2.75 7.99 -14.81
C ALA A 27 -3.72 8.90 -15.56
N LYS A 28 -4.64 9.51 -14.82
CA LYS A 28 -5.64 10.40 -15.41
C LYS A 28 -4.97 11.62 -16.05
N LYS A 29 -4.18 12.35 -15.27
CA LYS A 29 -3.51 13.54 -15.76
C LYS A 29 -2.58 13.21 -16.94
N LYS A 30 -1.59 12.36 -16.69
CA LYS A 30 -0.64 11.97 -17.72
C LYS A 30 -1.25 10.92 -18.64
N LYS A 1 3.65 -20.29 3.67
CA LYS A 1 3.60 -19.63 5.01
C LYS A 1 3.84 -18.13 4.87
N LYS A 2 2.89 -17.44 4.24
CA LYS A 2 2.99 -16.00 4.04
C LYS A 2 1.77 -15.30 4.63
N LYS A 3 1.57 -15.44 5.93
CA LYS A 3 0.45 -14.81 6.61
C LYS A 3 0.93 -13.76 7.61
N PRO A 4 0.98 -12.48 7.18
CA PRO A 4 1.43 -11.36 8.03
C PRO A 4 0.72 -11.36 9.38
N LEU A 5 1.41 -10.83 10.40
CA LEU A 5 0.86 -10.76 11.74
C LEU A 5 0.76 -9.30 12.21
N LEU A 6 1.70 -8.47 11.77
CA LEU A 6 1.71 -7.07 12.14
C LEU A 6 2.69 -6.28 11.26
N PRO A 7 3.96 -6.73 11.11
CA PRO A 7 4.96 -6.01 10.30
C PRO A 7 4.58 -5.98 8.82
N LEU A 8 4.36 -7.16 8.24
CA LEU A 8 4.00 -7.26 6.83
C LEU A 8 2.61 -6.70 6.58
N LEU A 9 1.82 -6.58 7.64
CA LEU A 9 0.45 -6.05 7.52
C LEU A 9 0.48 -4.54 7.37
N VAL A 10 1.34 -3.88 8.14
CA VAL A 10 1.45 -2.42 8.08
C VAL A 10 2.31 -1.98 6.90
N ALA A 11 3.17 -2.87 6.43
CA ALA A 11 4.04 -2.58 5.31
C ALA A 11 3.25 -2.53 4.00
N GLY A 12 2.17 -3.32 3.94
CA GLY A 12 1.34 -3.34 2.75
C GLY A 12 0.35 -2.20 2.71
N ALA A 13 -0.05 -1.73 3.88
CA ALA A 13 -1.00 -0.62 3.97
C ALA A 13 -0.40 0.66 3.43
N VAL A 14 0.91 0.82 3.60
CA VAL A 14 1.62 2.01 3.12
C VAL A 14 1.54 2.09 1.60
N LEU A 15 1.88 1.00 0.93
CA LEU A 15 1.85 0.94 -0.53
C LEU A 15 0.42 1.05 -1.05
N LEU A 16 -0.54 0.73 -0.20
CA LEU A 16 -1.95 0.77 -0.57
C LEU A 16 -2.41 2.22 -0.74
N LEU A 17 -1.99 3.09 0.17
CA LEU A 17 -2.38 4.49 0.13
C LEU A 17 -1.47 5.32 -0.78
N VAL A 18 -0.20 4.95 -0.88
CA VAL A 18 0.74 5.70 -1.71
C VAL A 18 0.72 5.27 -3.19
N ILE A 19 0.80 3.97 -3.44
CA ILE A 19 0.83 3.45 -4.82
C ILE A 19 -0.56 3.33 -5.45
N LEU A 20 -1.41 2.48 -4.86
CA LEU A 20 -2.75 2.24 -5.41
C LEU A 20 -3.53 3.53 -5.61
N VAL A 21 -3.46 4.43 -4.64
CA VAL A 21 -4.19 5.70 -4.71
C VAL A 21 -3.61 6.61 -5.80
N LEU A 22 -2.32 6.49 -6.06
CA LEU A 22 -1.67 7.32 -7.07
C LEU A 22 -1.90 6.75 -8.47
N GLY A 23 -2.06 5.43 -8.55
CA GLY A 23 -2.27 4.79 -9.84
C GLY A 23 -3.72 4.85 -10.30
N VAL A 24 -4.65 4.73 -9.36
CA VAL A 24 -6.07 4.77 -9.68
C VAL A 24 -6.46 6.06 -10.39
N MET A 25 -5.92 7.18 -9.94
CA MET A 25 -6.22 8.47 -10.54
C MET A 25 -5.74 8.54 -11.99
N VAL A 26 -4.70 7.78 -12.31
CA VAL A 26 -4.16 7.76 -13.65
C VAL A 26 -4.93 6.79 -14.54
N ALA A 27 -5.48 5.75 -13.92
CA ALA A 27 -6.25 4.74 -14.65
C ALA A 27 -7.63 5.26 -15.02
N LYS A 28 -8.32 5.83 -14.03
CA LYS A 28 -9.67 6.37 -14.25
C LYS A 28 -9.65 7.48 -15.29
N LYS A 29 -8.48 8.09 -15.48
CA LYS A 29 -8.33 9.17 -16.44
C LYS A 29 -8.05 8.63 -17.83
N LYS A 30 -7.49 7.42 -17.89
CA LYS A 30 -7.15 6.79 -19.17
C LYS A 30 -8.23 5.77 -19.54
N LYS A 1 5.94 -22.63 10.66
CA LYS A 1 6.18 -21.17 10.57
C LYS A 1 4.90 -20.39 10.80
N LYS A 2 4.41 -20.42 12.03
CA LYS A 2 3.18 -19.71 12.38
C LYS A 2 3.48 -18.28 12.81
N LYS A 3 4.54 -17.71 12.23
CA LYS A 3 4.94 -16.34 12.55
C LYS A 3 3.86 -15.34 12.11
N PRO A 4 3.68 -14.25 12.89
CA PRO A 4 2.68 -13.23 12.57
C PRO A 4 3.09 -12.36 11.38
N LEU A 5 2.10 -11.84 10.68
CA LEU A 5 2.35 -10.99 9.51
C LEU A 5 2.13 -9.52 9.85
N LEU A 6 2.19 -9.20 11.14
CA LEU A 6 2.00 -7.82 11.59
C LEU A 6 2.86 -6.84 10.79
N PRO A 7 4.18 -7.07 10.67
CA PRO A 7 5.06 -6.18 9.91
C PRO A 7 4.69 -6.10 8.44
N LEU A 8 4.25 -7.22 7.88
CA LEU A 8 3.86 -7.28 6.48
C LEU A 8 2.57 -6.50 6.23
N LEU A 9 1.74 -6.40 7.27
CA LEU A 9 0.47 -5.70 7.17
C LEU A 9 0.67 -4.19 7.17
N VAL A 10 1.48 -3.70 8.11
CA VAL A 10 1.75 -2.27 8.21
C VAL A 10 2.60 -1.77 7.04
N ALA A 11 3.56 -2.58 6.61
CA ALA A 11 4.42 -2.21 5.49
C ALA A 11 3.65 -2.18 4.18
N GLY A 12 2.67 -3.09 4.04
CA GLY A 12 1.88 -3.14 2.83
C GLY A 12 0.79 -2.09 2.82
N ALA A 13 0.24 -1.78 3.99
CA ALA A 13 -0.81 -0.77 4.11
C ALA A 13 -0.35 0.58 3.60
N VAL A 14 0.93 0.88 3.79
CA VAL A 14 1.50 2.15 3.35
C VAL A 14 1.59 2.20 1.82
N LEU A 15 1.84 1.05 1.21
CA LEU A 15 1.94 0.96 -0.25
C LEU A 15 0.57 0.99 -0.91
N LEU A 16 -0.45 0.64 -0.15
CA LEU A 16 -1.81 0.64 -0.67
C LEU A 16 -2.30 2.05 -0.92
N LEU A 17 -2.28 2.88 0.13
CA LEU A 17 -2.74 4.25 0.02
C LEU A 17 -1.90 5.05 -0.98
N VAL A 18 -0.61 4.77 -1.05
CA VAL A 18 0.28 5.50 -1.95
C VAL A 18 0.30 4.93 -3.38
N ILE A 19 0.58 3.64 -3.52
CA ILE A 19 0.67 3.01 -4.83
C ILE A 19 -0.69 2.56 -5.38
N LEU A 20 -1.37 1.66 -4.67
CA LEU A 20 -2.66 1.15 -5.11
C LEU A 20 -3.62 2.28 -5.51
N VAL A 21 -3.84 3.22 -4.60
CA VAL A 21 -4.74 4.34 -4.86
C VAL A 21 -4.35 5.10 -6.13
N LEU A 22 -3.08 5.01 -6.49
CA LEU A 22 -2.59 5.68 -7.70
C LEU A 22 -3.01 4.90 -8.94
N GLY A 23 -3.06 3.58 -8.82
CA GLY A 23 -3.43 2.72 -9.93
C GLY A 23 -4.93 2.61 -10.12
N VAL A 24 -5.70 2.96 -9.09
CA VAL A 24 -7.16 2.90 -9.18
C VAL A 24 -7.69 3.77 -10.30
N MET A 25 -6.93 4.81 -10.65
CA MET A 25 -7.33 5.72 -11.71
C MET A 25 -7.55 4.97 -13.03
N VAL A 26 -6.65 4.03 -13.32
CA VAL A 26 -6.75 3.24 -14.54
C VAL A 26 -7.68 2.04 -14.35
N ALA A 27 -7.80 1.58 -13.11
CA ALA A 27 -8.65 0.44 -12.79
C ALA A 27 -10.13 0.79 -12.93
N LYS A 28 -10.59 1.76 -12.15
CA LYS A 28 -11.98 2.20 -12.17
C LYS A 28 -12.42 2.54 -13.59
N LYS A 29 -11.46 2.99 -14.42
CA LYS A 29 -11.75 3.36 -15.79
C LYS A 29 -12.35 2.17 -16.56
N LYS A 30 -11.74 1.00 -16.40
CA LYS A 30 -12.22 -0.20 -17.07
C LYS A 30 -13.16 -0.99 -16.16
N LYS A 1 8.33 -20.66 8.70
CA LYS A 1 8.37 -21.50 9.93
C LYS A 1 7.72 -20.76 11.10
N LYS A 2 6.40 -20.59 11.00
CA LYS A 2 5.64 -19.90 12.04
C LYS A 2 6.12 -18.46 12.23
N LYS A 3 6.09 -17.67 11.16
CA LYS A 3 6.53 -16.28 11.22
C LYS A 3 5.32 -15.34 11.15
N PRO A 4 5.21 -14.40 12.11
CA PRO A 4 4.10 -13.44 12.13
C PRO A 4 4.14 -12.49 10.95
N LEU A 5 2.97 -12.16 10.41
CA LEU A 5 2.87 -11.25 9.27
C LEU A 5 2.51 -9.85 9.72
N LEU A 6 2.61 -9.60 11.03
CA LEU A 6 2.29 -8.30 11.60
C LEU A 6 3.08 -7.17 10.92
N PRO A 7 4.42 -7.30 10.80
CA PRO A 7 5.24 -6.25 10.17
C PRO A 7 4.98 -6.13 8.68
N LEU A 8 4.26 -7.09 8.11
CA LEU A 8 3.94 -7.08 6.69
C LEU A 8 2.60 -6.42 6.43
N LEU A 9 1.78 -6.32 7.47
CA LEU A 9 0.46 -5.71 7.35
C LEU A 9 0.56 -4.18 7.32
N VAL A 10 1.40 -3.63 8.19
CA VAL A 10 1.59 -2.18 8.27
C VAL A 10 2.38 -1.67 7.08
N ALA A 11 3.33 -2.48 6.60
CA ALA A 11 4.16 -2.10 5.46
C ALA A 11 3.37 -2.18 4.16
N GLY A 12 2.35 -3.04 4.15
CA GLY A 12 1.53 -3.21 2.97
C GLY A 12 0.42 -2.18 2.88
N ALA A 13 -0.01 -1.68 4.04
CA ALA A 13 -1.07 -0.69 4.11
C ALA A 13 -0.61 0.63 3.50
N VAL A 14 0.68 0.91 3.62
CA VAL A 14 1.26 2.14 3.08
C VAL A 14 1.25 2.13 1.55
N LEU A 15 1.66 1.00 0.98
CA LEU A 15 1.71 0.86 -0.47
C LEU A 15 0.31 0.93 -1.08
N LEU A 16 -0.70 0.67 -0.27
CA LEU A 16 -2.08 0.71 -0.73
C LEU A 16 -2.54 2.14 -0.94
N LEU A 17 -2.17 3.02 -0.02
CA LEU A 17 -2.56 4.42 -0.09
C LEU A 17 -1.61 5.24 -0.98
N VAL A 18 -0.34 4.85 -1.00
CA VAL A 18 0.66 5.60 -1.79
C VAL A 18 0.72 5.14 -3.26
N ILE A 19 0.81 3.84 -3.49
CA ILE A 19 0.92 3.31 -4.86
C ILE A 19 -0.42 3.18 -5.57
N LEU A 20 -1.31 2.34 -5.02
CA LEU A 20 -2.62 2.11 -5.63
C LEU A 20 -3.38 3.40 -5.90
N VAL A 21 -3.58 4.20 -4.86
CA VAL A 21 -4.31 5.46 -4.99
C VAL A 21 -3.73 6.33 -6.11
N LEU A 22 -2.44 6.23 -6.33
CA LEU A 22 -1.78 7.01 -7.38
C LEU A 22 -1.93 6.35 -8.75
N GLY A 23 -1.99 5.01 -8.75
CA GLY A 23 -2.10 4.27 -9.99
C GLY A 23 -3.53 4.15 -10.50
N VAL A 24 -4.51 4.39 -9.64
CA VAL A 24 -5.91 4.28 -10.04
C VAL A 24 -6.31 5.41 -10.99
N MET A 25 -5.89 6.63 -10.66
CA MET A 25 -6.22 7.79 -11.47
C MET A 25 -5.61 7.66 -12.86
N VAL A 26 -4.33 7.32 -12.91
CA VAL A 26 -3.62 7.14 -14.17
C VAL A 26 -4.20 5.96 -14.95
N ALA A 27 -4.85 5.04 -14.22
CA ALA A 27 -5.44 3.87 -14.82
C ALA A 27 -6.78 4.20 -15.48
N LYS A 28 -7.52 5.12 -14.85
CA LYS A 28 -8.82 5.53 -15.38
C LYS A 28 -8.70 5.96 -16.84
N LYS A 29 -7.54 6.51 -17.19
CA LYS A 29 -7.30 6.97 -18.56
C LYS A 29 -6.82 5.81 -19.44
N LYS A 30 -6.03 4.91 -18.85
CA LYS A 30 -5.52 3.76 -19.58
C LYS A 30 -6.64 2.81 -19.96
N LYS A 1 4.96 -16.72 17.05
CA LYS A 1 5.80 -17.78 17.67
C LYS A 1 7.27 -17.57 17.34
N LYS A 2 7.60 -17.68 16.05
CA LYS A 2 8.98 -17.50 15.60
C LYS A 2 9.03 -16.59 14.37
N LYS A 3 8.02 -16.69 13.52
CA LYS A 3 7.95 -15.88 12.31
C LYS A 3 6.88 -14.80 12.44
N PRO A 4 7.28 -13.57 12.85
CA PRO A 4 6.33 -12.46 13.02
C PRO A 4 5.68 -12.04 11.70
N LEU A 5 4.45 -11.56 11.79
CA LEU A 5 3.70 -11.12 10.62
C LEU A 5 3.07 -9.75 10.86
N LEU A 6 3.68 -8.97 11.75
CA LEU A 6 3.18 -7.65 12.08
C LEU A 6 3.61 -6.60 11.05
N PRO A 7 4.90 -6.53 10.69
CA PRO A 7 5.41 -5.55 9.71
C PRO A 7 4.95 -5.85 8.29
N LEU A 8 4.26 -6.98 8.12
CA LEU A 8 3.77 -7.38 6.80
C LEU A 8 2.34 -6.90 6.57
N LEU A 9 1.55 -6.85 7.64
CA LEU A 9 0.15 -6.43 7.54
C LEU A 9 0.05 -4.91 7.40
N VAL A 10 1.01 -4.20 7.98
CA VAL A 10 1.02 -2.74 7.92
C VAL A 10 1.67 -2.24 6.63
N ALA A 11 2.61 -3.03 6.11
CA ALA A 11 3.31 -2.67 4.88
C ALA A 11 2.34 -2.54 3.70
N GLY A 12 1.49 -3.54 3.52
CA GLY A 12 0.53 -3.54 2.44
C GLY A 12 -0.40 -2.33 2.49
N ALA A 13 -0.64 -1.82 3.70
CA ALA A 13 -1.51 -0.66 3.87
C ALA A 13 -0.86 0.61 3.34
N VAL A 14 0.42 0.78 3.63
CA VAL A 14 1.16 1.97 3.20
C VAL A 14 1.26 2.02 1.67
N LEU A 15 1.58 0.88 1.07
CA LEU A 15 1.72 0.78 -0.38
C LEU A 15 0.39 1.04 -1.08
N LEU A 16 -0.70 0.86 -0.35
CA LEU A 16 -2.03 1.06 -0.91
C LEU A 16 -2.34 2.56 -1.03
N LEU A 17 -1.93 3.32 -0.02
CA LEU A 17 -2.17 4.76 -0.02
C LEU A 17 -1.10 5.54 -0.78
N VAL A 18 0.13 5.02 -0.77
CA VAL A 18 1.23 5.69 -1.44
C VAL A 18 1.34 5.35 -2.93
N ILE A 19 1.32 4.06 -3.26
CA ILE A 19 1.45 3.62 -4.65
C ILE A 19 0.14 3.66 -5.43
N LEU A 20 -0.84 2.89 -4.99
CA LEU A 20 -2.14 2.82 -5.67
C LEU A 20 -2.74 4.20 -5.91
N VAL A 21 -2.89 4.97 -4.84
CA VAL A 21 -3.46 6.31 -4.94
C VAL A 21 -2.76 7.16 -6.00
N LEU A 22 -1.43 7.21 -5.94
CA LEU A 22 -0.65 8.00 -6.89
C LEU A 22 -0.75 7.40 -8.29
N GLY A 23 -1.07 6.11 -8.36
CA GLY A 23 -1.19 5.44 -9.65
C GLY A 23 -2.49 5.79 -10.35
N VAL A 24 -3.44 6.31 -9.60
CA VAL A 24 -4.74 6.69 -10.15
C VAL A 24 -4.61 7.81 -11.17
N MET A 25 -4.00 8.91 -10.76
CA MET A 25 -3.82 10.06 -11.65
C MET A 25 -3.16 9.65 -12.95
N VAL A 26 -2.28 8.66 -12.89
CA VAL A 26 -1.58 8.19 -14.08
C VAL A 26 -2.41 7.16 -14.84
N ALA A 27 -3.33 6.51 -14.14
CA ALA A 27 -4.19 5.48 -14.75
C ALA A 27 -5.37 6.10 -15.50
N LYS A 28 -6.25 6.77 -14.78
CA LYS A 28 -7.43 7.38 -15.40
C LYS A 28 -7.07 8.56 -16.29
N LYS A 29 -6.52 9.62 -15.68
CA LYS A 29 -6.15 10.81 -16.43
C LYS A 29 -5.12 10.49 -17.52
N LYS A 30 -4.07 9.77 -17.14
CA LYS A 30 -3.01 9.39 -18.08
C LYS A 30 -2.38 10.62 -18.71
N LYS A 1 15.08 -18.41 14.01
CA LYS A 1 14.80 -17.40 12.96
C LYS A 1 13.30 -17.27 12.70
N LYS A 2 12.64 -16.49 13.54
CA LYS A 2 11.20 -16.28 13.41
C LYS A 2 10.89 -14.81 13.09
N LYS A 3 10.29 -14.58 11.92
CA LYS A 3 9.95 -13.24 11.50
C LYS A 3 8.49 -12.92 11.83
N PRO A 4 8.22 -11.70 12.35
CA PRO A 4 6.87 -11.28 12.71
C PRO A 4 6.01 -10.97 11.48
N LEU A 5 4.72 -11.27 11.57
CA LEU A 5 3.80 -11.03 10.47
C LEU A 5 2.98 -9.75 10.71
N LEU A 6 3.22 -9.12 11.85
CA LEU A 6 2.51 -7.89 12.20
C LEU A 6 2.94 -6.72 11.31
N PRO A 7 4.27 -6.46 11.17
CA PRO A 7 4.76 -5.36 10.34
C PRO A 7 4.62 -5.66 8.84
N LEU A 8 4.68 -6.93 8.48
CA LEU A 8 4.56 -7.34 7.09
C LEU A 8 3.13 -7.15 6.58
N LEU A 9 2.18 -7.03 7.51
CA LEU A 9 0.79 -6.84 7.16
C LEU A 9 0.49 -5.37 6.94
N VAL A 10 1.01 -4.52 7.83
CA VAL A 10 0.80 -3.09 7.73
C VAL A 10 1.64 -2.48 6.62
N ALA A 11 2.72 -3.16 6.26
CA ALA A 11 3.62 -2.68 5.21
C ALA A 11 2.88 -2.54 3.88
N GLY A 12 2.09 -3.55 3.54
CA GLY A 12 1.34 -3.52 2.31
C GLY A 12 0.32 -2.40 2.28
N ALA A 13 -0.15 -1.99 3.46
CA ALA A 13 -1.13 -0.91 3.56
C ALA A 13 -0.51 0.42 3.14
N VAL A 14 0.79 0.54 3.33
CA VAL A 14 1.51 1.76 2.97
C VAL A 14 1.45 1.98 1.47
N LEU A 15 1.70 0.92 0.70
CA LEU A 15 1.68 1.00 -0.76
C LEU A 15 0.28 1.34 -1.26
N LEU A 16 -0.72 1.08 -0.43
CA LEU A 16 -2.10 1.36 -0.79
C LEU A 16 -2.38 2.86 -0.73
N LEU A 17 -1.71 3.54 0.19
CA LEU A 17 -1.88 4.98 0.36
C LEU A 17 -0.99 5.77 -0.59
N VAL A 18 0.20 5.24 -0.87
CA VAL A 18 1.14 5.93 -1.75
C VAL A 18 0.92 5.65 -3.24
N ILE A 19 0.77 4.38 -3.61
CA ILE A 19 0.58 4.01 -5.01
C ILE A 19 -0.87 4.14 -5.48
N LEU A 20 -1.77 3.40 -4.86
CA LEU A 20 -3.19 3.41 -5.26
C LEU A 20 -3.76 4.82 -5.27
N VAL A 21 -3.43 5.62 -4.26
CA VAL A 21 -3.93 6.98 -4.16
C VAL A 21 -3.30 7.90 -5.20
N LEU A 22 -2.08 7.56 -5.61
CA LEU A 22 -1.37 8.37 -6.60
C LEU A 22 -1.82 8.02 -8.02
N GLY A 23 -2.35 6.81 -8.20
CA GLY A 23 -2.80 6.39 -9.51
C GLY A 23 -4.18 6.89 -9.87
N VAL A 24 -4.99 7.18 -8.85
CA VAL A 24 -6.34 7.66 -9.08
C VAL A 24 -6.37 9.13 -9.48
N MET A 25 -5.54 9.94 -8.83
CA MET A 25 -5.48 11.37 -9.13
C MET A 25 -4.92 11.62 -10.52
N VAL A 26 -3.81 10.97 -10.84
CA VAL A 26 -3.18 11.13 -12.14
C VAL A 26 -4.10 10.61 -13.25
N ALA A 27 -5.01 9.72 -12.89
CA ALA A 27 -5.95 9.15 -13.85
C ALA A 27 -7.11 10.09 -14.10
N LYS A 28 -7.69 10.62 -13.03
CA LYS A 28 -8.83 11.54 -13.15
C LYS A 28 -8.40 12.85 -13.81
N LYS A 29 -7.09 13.10 -13.86
CA LYS A 29 -6.58 14.32 -14.47
C LYS A 29 -6.39 14.15 -15.97
N LYS A 30 -6.17 12.90 -16.40
CA LYS A 30 -5.98 12.61 -17.82
C LYS A 30 -7.16 11.79 -18.36
N LYS A 1 3.60 -20.16 10.65
CA LYS A 1 3.93 -18.71 10.74
C LYS A 1 4.96 -18.46 11.84
N LYS A 2 6.22 -18.70 11.51
CA LYS A 2 7.31 -18.51 12.46
C LYS A 2 7.75 -17.04 12.50
N LYS A 3 8.11 -16.49 11.35
CA LYS A 3 8.54 -15.11 11.25
C LYS A 3 7.37 -14.15 11.51
N PRO A 4 7.65 -12.98 12.09
CA PRO A 4 6.61 -11.98 12.39
C PRO A 4 5.87 -11.53 11.13
N LEU A 5 4.54 -11.59 11.18
CA LEU A 5 3.71 -11.19 10.04
C LEU A 5 3.06 -9.84 10.30
N LEU A 6 3.17 -9.35 11.53
CA LEU A 6 2.59 -8.07 11.91
C LEU A 6 3.11 -6.93 11.04
N PRO A 7 4.45 -6.79 10.88
CA PRO A 7 5.04 -5.72 10.06
C PRO A 7 4.60 -5.80 8.60
N LEU A 8 4.42 -7.02 8.11
CA LEU A 8 4.02 -7.24 6.72
C LEU A 8 2.62 -6.69 6.47
N LEU A 9 1.81 -6.64 7.53
CA LEU A 9 0.45 -6.14 7.42
C LEU A 9 0.42 -4.62 7.33
N VAL A 10 1.18 -3.97 8.21
CA VAL A 10 1.24 -2.50 8.22
C VAL A 10 2.07 -1.97 7.06
N ALA A 11 2.96 -2.81 6.54
CA ALA A 11 3.81 -2.40 5.43
C ALA A 11 3.02 -2.37 4.12
N GLY A 12 2.17 -3.38 3.93
CA GLY A 12 1.37 -3.44 2.72
C GLY A 12 0.32 -2.36 2.66
N ALA A 13 -0.09 -1.87 3.84
CA ALA A 13 -1.09 -0.82 3.93
C ALA A 13 -0.53 0.50 3.42
N VAL A 14 0.79 0.62 3.41
CA VAL A 14 1.45 1.83 2.95
C VAL A 14 1.42 1.94 1.42
N LEU A 15 1.76 0.84 0.75
CA LEU A 15 1.77 0.81 -0.71
C LEU A 15 0.37 1.02 -1.29
N LEU A 16 -0.65 0.77 -0.48
CA LEU A 16 -2.03 0.95 -0.92
C LEU A 16 -2.42 2.42 -0.85
N LEU A 17 -1.87 3.13 0.13
CA LEU A 17 -2.17 4.55 0.29
C LEU A 17 -1.26 5.43 -0.57
N VAL A 18 -0.04 4.99 -0.81
CA VAL A 18 0.91 5.76 -1.60
C VAL A 18 0.77 5.53 -3.11
N ILE A 19 0.61 4.27 -3.52
CA ILE A 19 0.50 3.95 -4.95
C ILE A 19 -0.93 4.13 -5.48
N LEU A 20 -1.90 3.43 -4.87
CA LEU A 20 -3.28 3.50 -5.33
C LEU A 20 -3.88 4.91 -5.20
N VAL A 21 -3.92 5.43 -3.98
CA VAL A 21 -4.49 6.75 -3.73
C VAL A 21 -3.85 7.83 -4.60
N LEU A 22 -2.62 7.59 -5.05
CA LEU A 22 -1.93 8.56 -5.89
C LEU A 22 -2.55 8.62 -7.29
N GLY A 23 -3.06 7.48 -7.75
CA GLY A 23 -3.67 7.43 -9.07
C GLY A 23 -5.11 7.90 -9.08
N VAL A 24 -5.74 7.95 -7.91
CA VAL A 24 -7.13 8.39 -7.82
C VAL A 24 -7.27 9.85 -8.22
N MET A 25 -6.20 10.62 -8.08
CA MET A 25 -6.22 12.02 -8.44
C MET A 25 -6.77 12.22 -9.85
N VAL A 26 -6.38 11.32 -10.75
CA VAL A 26 -6.85 11.38 -12.13
C VAL A 26 -8.21 10.69 -12.27
N ALA A 27 -8.48 9.77 -11.34
CA ALA A 27 -9.74 9.04 -11.35
C ALA A 27 -10.92 9.95 -11.05
N LYS A 28 -10.90 10.57 -9.87
CA LYS A 28 -11.97 11.47 -9.46
C LYS A 28 -12.31 12.48 -10.55
N LYS A 29 -11.29 12.92 -11.28
CA LYS A 29 -11.47 13.88 -12.36
C LYS A 29 -12.23 13.24 -13.51
N LYS A 30 -11.83 12.03 -13.88
CA LYS A 30 -12.47 11.31 -14.97
C LYS A 30 -13.76 10.63 -14.49
N LYS A 1 10.62 -18.20 10.37
CA LYS A 1 9.59 -18.02 11.42
C LYS A 1 10.06 -17.05 12.50
N LYS A 2 11.30 -16.58 12.35
CA LYS A 2 11.88 -15.65 13.31
C LYS A 2 11.59 -14.21 12.91
N LYS A 3 10.90 -14.04 11.77
CA LYS A 3 10.56 -12.73 11.27
C LYS A 3 9.07 -12.42 11.49
N PRO A 4 8.74 -11.57 12.49
CA PRO A 4 7.35 -11.21 12.79
C PRO A 4 6.57 -10.80 11.54
N LEU A 5 5.31 -11.21 11.49
CA LEU A 5 4.44 -10.88 10.35
C LEU A 5 3.58 -9.67 10.65
N LEU A 6 3.70 -9.15 11.87
CA LEU A 6 2.92 -7.99 12.28
C LEU A 6 3.20 -6.77 11.39
N PRO A 7 4.48 -6.42 11.16
CA PRO A 7 4.84 -5.27 10.32
C PRO A 7 4.64 -5.55 8.83
N LEU A 8 4.51 -6.84 8.49
CA LEU A 8 4.32 -7.23 7.11
C LEU A 8 2.90 -6.92 6.64
N LEU A 9 1.93 -7.15 7.52
CA LEU A 9 0.54 -6.89 7.19
C LEU A 9 0.32 -5.42 6.89
N VAL A 10 1.11 -4.56 7.51
CA VAL A 10 1.03 -3.13 7.32
C VAL A 10 1.83 -2.69 6.09
N ALA A 11 2.92 -3.41 5.83
CA ALA A 11 3.78 -3.09 4.69
C ALA A 11 2.97 -2.95 3.40
N GLY A 12 1.88 -3.71 3.30
CA GLY A 12 1.05 -3.66 2.12
C GLY A 12 0.11 -2.47 2.13
N ALA A 13 -0.47 -2.18 3.29
CA ALA A 13 -1.39 -1.07 3.44
C ALA A 13 -0.73 0.26 3.06
N VAL A 14 0.56 0.38 3.39
CA VAL A 14 1.31 1.58 3.08
C VAL A 14 1.34 1.85 1.59
N LEU A 15 1.50 0.78 0.81
CA LEU A 15 1.54 0.89 -0.64
C LEU A 15 0.21 1.37 -1.19
N LEU A 16 -0.86 1.18 -0.43
CA LEU A 16 -2.19 1.60 -0.85
C LEU A 16 -2.37 3.10 -0.66
N LEU A 17 -1.68 3.65 0.34
CA LEU A 17 -1.77 5.08 0.62
C LEU A 17 -0.80 5.87 -0.24
N VAL A 18 0.34 5.27 -0.55
CA VAL A 18 1.36 5.93 -1.36
C VAL A 18 1.13 5.77 -2.88
N ILE A 19 0.91 4.53 -3.31
CA ILE A 19 0.72 4.25 -4.75
C ILE A 19 -0.70 4.53 -5.23
N LEU A 20 -1.70 3.89 -4.60
CA LEU A 20 -3.09 4.05 -5.02
C LEU A 20 -3.57 5.49 -4.91
N VAL A 21 -3.44 6.09 -3.73
CA VAL A 21 -3.87 7.46 -3.52
C VAL A 21 -3.24 8.41 -4.53
N LEU A 22 -1.98 8.18 -4.86
CA LEU A 22 -1.28 9.02 -5.83
C LEU A 22 -1.62 8.59 -7.26
N GLY A 23 -2.06 7.36 -7.40
CA GLY A 23 -2.40 6.83 -8.72
C GLY A 23 -3.80 7.21 -9.16
N VAL A 24 -4.65 7.56 -8.20
CA VAL A 24 -6.03 7.94 -8.52
C VAL A 24 -6.12 9.41 -8.93
N MET A 25 -5.36 10.26 -8.24
CA MET A 25 -5.35 11.68 -8.53
C MET A 25 -4.82 11.95 -9.94
N VAL A 26 -3.75 11.25 -10.30
CA VAL A 26 -3.15 11.41 -11.62
C VAL A 26 -4.13 10.97 -12.70
N ALA A 27 -5.05 10.09 -12.33
CA ALA A 27 -6.05 9.58 -13.25
C ALA A 27 -7.19 10.58 -13.43
N LYS A 28 -7.62 11.17 -12.32
CA LYS A 28 -8.69 12.17 -12.35
C LYS A 28 -8.25 13.42 -13.10
N LYS A 29 -6.95 13.72 -13.02
CA LYS A 29 -6.40 14.88 -13.70
C LYS A 29 -6.46 14.71 -15.21
N LYS A 30 -6.44 13.47 -15.66
CA LYS A 30 -6.51 13.16 -17.08
C LYS A 30 -7.88 13.51 -17.67
N LYS A 1 15.38 -16.57 16.87
CA LYS A 1 14.94 -17.05 15.54
C LYS A 1 13.45 -16.75 15.33
N LYS A 2 12.92 -15.85 16.14
CA LYS A 2 11.51 -15.47 16.02
C LYS A 2 11.36 -14.19 15.21
N LYS A 3 10.92 -14.35 13.96
CA LYS A 3 10.73 -13.21 13.07
C LYS A 3 9.34 -12.61 13.24
N PRO A 4 9.24 -11.27 13.30
CA PRO A 4 7.94 -10.59 13.47
C PRO A 4 7.10 -10.64 12.21
N LEU A 5 5.78 -10.73 12.39
CA LEU A 5 4.86 -10.78 11.26
C LEU A 5 3.92 -9.58 11.26
N LEU A 6 4.14 -8.65 12.19
CA LEU A 6 3.32 -7.46 12.30
C LEU A 6 3.60 -6.47 11.17
N PRO A 7 4.88 -6.13 10.91
CA PRO A 7 5.24 -5.18 9.84
C PRO A 7 4.81 -5.67 8.45
N LEU A 8 4.47 -6.96 8.36
CA LEU A 8 4.05 -7.53 7.09
C LEU A 8 2.63 -7.11 6.74
N LEU A 9 1.75 -7.11 7.74
CA LEU A 9 0.36 -6.74 7.53
C LEU A 9 0.24 -5.26 7.13
N VAL A 10 0.89 -4.40 7.90
CA VAL A 10 0.86 -2.97 7.62
C VAL A 10 1.55 -2.63 6.31
N ALA A 11 2.49 -3.48 5.90
CA ALA A 11 3.22 -3.28 4.66
C ALA A 11 2.27 -3.26 3.47
N GLY A 12 1.19 -4.04 3.56
CA GLY A 12 0.22 -4.11 2.48
C GLY A 12 -0.70 -2.91 2.47
N ALA A 13 -0.79 -2.21 3.60
CA ALA A 13 -1.65 -1.03 3.71
C ALA A 13 -0.96 0.21 3.16
N VAL A 14 0.33 0.34 3.45
CA VAL A 14 1.11 1.49 2.98
C VAL A 14 1.04 1.61 1.46
N LEU A 15 1.13 0.47 0.78
CA LEU A 15 1.08 0.43 -0.69
C LEU A 15 -0.15 1.14 -1.22
N LEU A 16 -1.23 1.14 -0.44
CA LEU A 16 -2.48 1.78 -0.86
C LEU A 16 -2.39 3.29 -0.80
N LEU A 17 -1.81 3.80 0.29
CA LEU A 17 -1.68 5.25 0.48
C LEU A 17 -0.43 5.83 -0.20
N VAL A 18 0.59 5.00 -0.39
CA VAL A 18 1.84 5.47 -0.98
C VAL A 18 1.84 5.47 -2.52
N ILE A 19 1.57 4.31 -3.13
CA ILE A 19 1.59 4.18 -4.58
C ILE A 19 0.28 4.61 -5.23
N LEU A 20 -0.82 3.94 -4.89
CA LEU A 20 -2.11 4.25 -5.48
C LEU A 20 -2.43 5.74 -5.43
N VAL A 21 -2.37 6.33 -4.24
CA VAL A 21 -2.66 7.74 -4.07
C VAL A 21 -1.80 8.63 -4.97
N LEU A 22 -0.54 8.22 -5.16
CA LEU A 22 0.37 8.99 -6.01
C LEU A 22 0.17 8.65 -7.48
N GLY A 23 -0.44 7.49 -7.75
CA GLY A 23 -0.68 7.08 -9.12
C GLY A 23 -1.94 7.69 -9.72
N VAL A 24 -2.91 8.02 -8.89
CA VAL A 24 -4.16 8.61 -9.36
C VAL A 24 -3.97 10.05 -9.81
N MET A 25 -3.22 10.82 -9.03
CA MET A 25 -2.98 12.23 -9.35
C MET A 25 -2.39 12.38 -10.75
N VAL A 26 -1.33 11.64 -11.02
CA VAL A 26 -0.68 11.70 -12.33
C VAL A 26 -1.61 11.15 -13.41
N ALA A 27 -2.54 10.30 -12.99
CA ALA A 27 -3.50 9.70 -13.92
C ALA A 27 -4.58 10.70 -14.31
N LYS A 28 -4.97 11.56 -13.37
CA LYS A 28 -5.99 12.57 -13.63
C LYS A 28 -5.61 13.42 -14.84
N LYS A 29 -4.31 13.61 -15.06
CA LYS A 29 -3.82 14.41 -16.17
C LYS A 29 -3.68 13.56 -17.43
N LYS A 30 -2.94 12.47 -17.32
CA LYS A 30 -2.72 11.58 -18.46
C LYS A 30 -4.01 10.86 -18.85
N LYS A 1 6.96 -21.70 9.27
CA LYS A 1 6.29 -22.47 10.35
C LYS A 1 6.31 -21.69 11.66
N LYS A 2 6.99 -20.54 11.65
CA LYS A 2 7.09 -19.71 12.85
C LYS A 2 7.42 -18.27 12.47
N LYS A 3 7.57 -18.01 11.18
CA LYS A 3 7.89 -16.67 10.69
C LYS A 3 6.77 -15.68 11.03
N PRO A 4 7.13 -14.45 11.41
CA PRO A 4 6.15 -13.41 11.75
C PRO A 4 5.61 -12.68 10.53
N LEU A 5 4.35 -12.27 10.60
CA LEU A 5 3.71 -11.55 9.50
C LEU A 5 3.00 -10.29 10.00
N LEU A 6 3.36 -9.86 11.20
CA LEU A 6 2.75 -8.68 11.80
C LEU A 6 3.27 -7.40 11.15
N PRO A 7 4.60 -7.21 11.04
CA PRO A 7 5.18 -6.01 10.43
C PRO A 7 4.92 -5.92 8.93
N LEU A 8 4.37 -7.00 8.37
CA LEU A 8 4.09 -7.04 6.94
C LEU A 8 2.68 -6.54 6.64
N LEU A 9 1.82 -6.58 7.66
CA LEU A 9 0.44 -6.13 7.51
C LEU A 9 0.38 -4.62 7.29
N VAL A 10 1.05 -3.88 8.18
CA VAL A 10 1.08 -2.43 8.10
C VAL A 10 1.84 -1.95 6.87
N ALA A 11 2.80 -2.76 6.43
CA ALA A 11 3.60 -2.43 5.26
C ALA A 11 2.77 -2.43 3.99
N GLY A 12 1.70 -3.23 3.98
CA GLY A 12 0.83 -3.30 2.83
C GLY A 12 -0.15 -2.15 2.78
N ALA A 13 -0.34 -1.49 3.92
CA ALA A 13 -1.27 -0.36 4.01
C ALA A 13 -0.62 0.92 3.48
N VAL A 14 0.70 0.93 3.44
CA VAL A 14 1.44 2.09 2.95
C VAL A 14 1.43 2.15 1.43
N LEU A 15 1.81 1.04 0.80
CA LEU A 15 1.85 0.95 -0.65
C LEU A 15 0.45 1.10 -1.25
N LEU A 16 -0.56 0.82 -0.44
CA LEU A 16 -1.94 0.91 -0.90
C LEU A 16 -2.37 2.36 -1.03
N LEU A 17 -1.94 3.19 -0.07
CA LEU A 17 -2.30 4.60 -0.07
C LEU A 17 -1.35 5.44 -0.93
N VAL A 18 -0.08 5.03 -1.02
CA VAL A 18 0.90 5.77 -1.80
C VAL A 18 0.92 5.38 -3.28
N ILE A 19 0.94 4.08 -3.57
CA ILE A 19 1.00 3.60 -4.95
C ILE A 19 -0.38 3.57 -5.64
N LEU A 20 -1.29 2.76 -5.10
CA LEU A 20 -2.62 2.62 -5.70
C LEU A 20 -3.32 3.97 -5.87
N VAL A 21 -3.43 4.71 -4.78
CA VAL A 21 -4.09 6.02 -4.80
C VAL A 21 -3.47 6.95 -5.85
N LEU A 22 -2.22 6.69 -6.20
CA LEU A 22 -1.53 7.51 -7.19
C LEU A 22 -2.10 7.26 -8.58
N GLY A 23 -2.46 6.01 -8.86
CA GLY A 23 -3.01 5.67 -10.17
C GLY A 23 -4.48 6.00 -10.33
N VAL A 24 -5.17 6.21 -9.21
CA VAL A 24 -6.60 6.52 -9.26
C VAL A 24 -6.88 7.79 -10.06
N MET A 25 -5.88 8.67 -10.13
CA MET A 25 -6.02 9.92 -10.87
C MET A 25 -6.46 9.68 -12.31
N VAL A 26 -5.80 8.71 -12.95
CA VAL A 26 -6.11 8.36 -14.34
C VAL A 26 -7.28 7.38 -14.41
N ALA A 27 -7.41 6.55 -13.38
CA ALA A 27 -8.48 5.55 -13.32
C ALA A 27 -9.86 6.22 -13.32
N LYS A 28 -10.07 7.12 -12.36
CA LYS A 28 -11.35 7.83 -12.26
C LYS A 28 -11.69 8.56 -13.54
N LYS A 29 -10.65 8.92 -14.31
CA LYS A 29 -10.85 9.63 -15.58
C LYS A 29 -11.40 8.69 -16.64
N LYS A 30 -10.67 7.60 -16.90
CA LYS A 30 -11.08 6.63 -17.90
C LYS A 30 -11.34 5.27 -17.26
N LYS A 1 5.48 -15.58 21.54
CA LYS A 1 5.85 -14.73 20.37
C LYS A 1 7.33 -14.37 20.41
N LYS A 2 8.00 -14.58 19.28
CA LYS A 2 9.43 -14.27 19.17
C LYS A 2 9.70 -13.40 17.95
N LYS A 3 9.09 -13.75 16.83
CA LYS A 3 9.27 -13.02 15.59
C LYS A 3 8.00 -12.24 15.24
N PRO A 4 8.10 -10.92 14.97
CA PRO A 4 6.95 -10.09 14.63
C PRO A 4 6.58 -10.17 13.15
N LEU A 5 5.28 -10.22 12.88
CA LEU A 5 4.78 -10.30 11.50
C LEU A 5 3.86 -9.13 11.20
N LEU A 6 3.73 -8.22 12.16
CA LEU A 6 2.86 -7.05 12.00
C LEU A 6 3.39 -6.12 10.90
N PRO A 7 4.69 -5.76 10.93
CA PRO A 7 5.26 -4.87 9.91
C PRO A 7 5.26 -5.49 8.52
N LEU A 8 4.85 -6.76 8.45
CA LEU A 8 4.80 -7.47 7.17
C LEU A 8 3.42 -7.37 6.55
N LEU A 9 2.38 -7.50 7.37
CA LEU A 9 1.01 -7.43 6.89
C LEU A 9 0.61 -5.99 6.58
N VAL A 10 1.15 -5.05 7.35
CA VAL A 10 0.84 -3.65 7.15
C VAL A 10 1.59 -3.09 5.94
N ALA A 11 2.67 -3.78 5.55
CA ALA A 11 3.48 -3.37 4.41
C ALA A 11 2.62 -3.24 3.15
N GLY A 12 1.54 -4.02 3.10
CA GLY A 12 0.66 -3.97 1.95
C GLY A 12 -0.31 -2.81 2.01
N ALA A 13 -0.62 -2.37 3.22
CA ALA A 13 -1.53 -1.25 3.42
C ALA A 13 -0.85 0.07 3.09
N VAL A 14 0.43 0.18 3.45
CA VAL A 14 1.19 1.40 3.19
C VAL A 14 1.27 1.67 1.70
N LEU A 15 1.39 0.61 0.91
CA LEU A 15 1.47 0.74 -0.56
C LEU A 15 0.16 1.26 -1.13
N LEU A 16 -0.92 1.07 -0.39
CA LEU A 16 -2.23 1.52 -0.84
C LEU A 16 -2.36 3.03 -0.66
N LEU A 17 -1.77 3.55 0.40
CA LEU A 17 -1.82 4.97 0.69
C LEU A 17 -0.73 5.75 -0.05
N VAL A 18 0.44 5.12 -0.22
CA VAL A 18 1.56 5.78 -0.87
C VAL A 18 1.51 5.67 -2.40
N ILE A 19 1.27 4.47 -2.91
CA ILE A 19 1.24 4.24 -4.36
C ILE A 19 -0.09 4.60 -5.00
N LEU A 20 -1.16 3.92 -4.60
CA LEU A 20 -2.49 4.14 -5.16
C LEU A 20 -2.90 5.62 -5.06
N VAL A 21 -2.91 6.15 -3.84
CA VAL A 21 -3.30 7.54 -3.62
C VAL A 21 -2.46 8.51 -4.46
N LEU A 22 -1.26 8.09 -4.81
CA LEU A 22 -0.38 8.94 -5.61
C LEU A 22 -0.96 9.16 -7.00
N GLY A 23 -1.64 8.13 -7.51
CA GLY A 23 -2.24 8.21 -8.83
C GLY A 23 -3.53 9.01 -8.85
N VAL A 24 -4.13 9.20 -7.68
CA VAL A 24 -5.37 9.95 -7.57
C VAL A 24 -5.14 11.45 -7.71
N MET A 25 -3.93 11.89 -7.37
CA MET A 25 -3.57 13.30 -7.45
C MET A 25 -3.58 13.77 -8.90
N VAL A 26 -3.04 12.92 -9.79
CA VAL A 26 -2.98 13.24 -11.21
C VAL A 26 -4.30 12.89 -11.91
N ALA A 27 -4.98 11.86 -11.39
CA ALA A 27 -6.25 11.42 -11.97
C ALA A 27 -7.36 12.43 -11.73
N LYS A 28 -7.67 12.68 -10.46
CA LYS A 28 -8.72 13.62 -10.09
C LYS A 28 -8.45 15.00 -10.70
N LYS A 29 -7.18 15.37 -10.78
CA LYS A 29 -6.79 16.66 -11.34
C LYS A 29 -7.21 16.76 -12.81
N LYS A 30 -6.97 15.69 -13.56
CA LYS A 30 -7.31 15.66 -14.98
C LYS A 30 -8.69 15.06 -15.19
N LYS A 1 9.16 -21.55 11.23
CA LYS A 1 9.65 -20.16 11.03
C LYS A 1 9.39 -19.31 12.28
N LYS A 2 8.18 -19.42 12.83
CA LYS A 2 7.81 -18.67 14.03
C LYS A 2 8.07 -17.18 13.84
N LYS A 3 7.69 -16.66 12.67
CA LYS A 3 7.87 -15.25 12.36
C LYS A 3 6.52 -14.54 12.21
N PRO A 4 6.22 -13.58 13.10
CA PRO A 4 4.94 -12.83 13.03
C PRO A 4 4.78 -12.09 11.72
N LEU A 5 3.57 -12.16 11.16
CA LEU A 5 3.28 -11.50 9.89
C LEU A 5 2.76 -10.08 10.13
N LEU A 6 3.15 -9.50 11.26
CA LEU A 6 2.73 -8.14 11.61
C LEU A 6 3.41 -7.10 10.72
N PRO A 7 4.75 -7.18 10.54
CA PRO A 7 5.50 -6.22 9.71
C PRO A 7 5.08 -6.26 8.25
N LEU A 8 4.21 -7.20 7.91
CA LEU A 8 3.73 -7.35 6.55
C LEU A 8 2.44 -6.58 6.33
N LEU A 9 1.59 -6.58 7.35
CA LEU A 9 0.31 -5.88 7.28
C LEU A 9 0.50 -4.36 7.27
N VAL A 10 1.40 -3.88 8.12
CA VAL A 10 1.68 -2.45 8.22
C VAL A 10 2.47 -1.96 7.01
N ALA A 11 3.26 -2.85 6.41
CA ALA A 11 4.06 -2.50 5.25
C ALA A 11 3.19 -2.39 4.00
N GLY A 12 2.42 -3.44 3.72
CA GLY A 12 1.55 -3.44 2.56
C GLY A 12 0.50 -2.35 2.63
N ALA A 13 0.25 -1.85 3.85
CA ALA A 13 -0.73 -0.80 4.05
C ALA A 13 -0.24 0.53 3.51
N VAL A 14 0.99 0.90 3.85
CA VAL A 14 1.58 2.15 3.40
C VAL A 14 1.56 2.26 1.88
N LEU A 15 1.98 1.19 1.20
CA LEU A 15 2.01 1.16 -0.25
C LEU A 15 0.60 1.19 -0.83
N LEU A 16 -0.38 0.79 -0.03
CA LEU A 16 -1.77 0.77 -0.47
C LEU A 16 -2.32 2.18 -0.58
N LEU A 17 -1.87 3.07 0.31
CA LEU A 17 -2.33 4.45 0.32
C LEU A 17 -1.54 5.32 -0.66
N VAL A 18 -0.26 5.02 -0.83
CA VAL A 18 0.59 5.81 -1.73
C VAL A 18 0.51 5.36 -3.19
N ILE A 19 0.61 4.05 -3.44
CA ILE A 19 0.58 3.52 -4.81
C ILE A 19 -0.84 3.35 -5.35
N LEU A 20 -1.66 2.55 -4.68
CA LEU A 20 -3.03 2.29 -5.13
C LEU A 20 -3.85 3.57 -5.28
N VAL A 21 -4.02 4.28 -4.17
CA VAL A 21 -4.80 5.52 -4.16
C VAL A 21 -4.33 6.49 -5.24
N LEU A 22 -3.05 6.47 -5.55
CA LEU A 22 -2.50 7.36 -6.57
C LEU A 22 -2.72 6.79 -7.97
N GLY A 23 -2.78 5.47 -8.07
CA GLY A 23 -2.96 4.81 -9.35
C GLY A 23 -4.42 4.76 -9.79
N VAL A 24 -5.34 4.89 -8.84
CA VAL A 24 -6.77 4.83 -9.14
C VAL A 24 -7.26 6.17 -9.71
N MET A 25 -6.72 7.26 -9.20
CA MET A 25 -7.13 8.59 -9.65
C MET A 25 -6.54 8.91 -11.03
N VAL A 26 -5.30 8.51 -11.25
CA VAL A 26 -4.64 8.74 -12.52
C VAL A 26 -5.27 7.91 -13.62
N ALA A 27 -5.85 6.78 -13.24
CA ALA A 27 -6.50 5.89 -14.18
C ALA A 27 -7.90 6.37 -14.54
N LYS A 28 -8.66 6.77 -13.52
CA LYS A 28 -10.03 7.25 -13.71
C LYS A 28 -10.04 8.57 -14.47
N LYS A 29 -9.17 9.49 -14.07
CA LYS A 29 -9.09 10.80 -14.71
C LYS A 29 -8.57 10.67 -16.14
N LYS A 30 -7.92 9.55 -16.44
CA LYS A 30 -7.37 9.32 -17.77
C LYS A 30 -8.48 9.26 -18.82
N LYS A 1 6.11 -20.85 12.81
CA LYS A 1 5.73 -19.43 12.90
C LYS A 1 5.99 -18.89 14.30
N LYS A 2 7.06 -18.12 14.45
CA LYS A 2 7.42 -17.54 15.74
C LYS A 2 7.48 -16.02 15.66
N LYS A 3 8.19 -15.51 14.65
CA LYS A 3 8.33 -14.08 14.46
C LYS A 3 6.97 -13.43 14.17
N PRO A 4 6.72 -12.22 14.70
CA PRO A 4 5.46 -11.51 14.49
C PRO A 4 5.33 -10.96 13.07
N LEU A 5 4.19 -11.25 12.44
CA LEU A 5 3.94 -10.78 11.08
C LEU A 5 3.16 -9.47 11.10
N LEU A 6 3.25 -8.75 12.22
CA LEU A 6 2.55 -7.48 12.37
C LEU A 6 3.07 -6.43 11.39
N PRO A 7 4.41 -6.24 11.31
CA PRO A 7 5.00 -5.26 10.39
C PRO A 7 4.99 -5.74 8.94
N LEU A 8 4.60 -6.99 8.75
CA LEU A 8 4.54 -7.58 7.41
C LEU A 8 3.16 -7.39 6.78
N LEU A 9 2.14 -7.29 7.63
CA LEU A 9 0.77 -7.11 7.14
C LEU A 9 0.48 -5.64 6.87
N VAL A 10 1.04 -4.76 7.70
CA VAL A 10 0.85 -3.33 7.54
C VAL A 10 1.67 -2.79 6.38
N ALA A 11 2.69 -3.55 5.98
CA ALA A 11 3.56 -3.15 4.87
C ALA A 11 2.74 -2.90 3.60
N GLY A 12 1.61 -3.58 3.49
CA GLY A 12 0.76 -3.40 2.32
C GLY A 12 -0.08 -2.15 2.41
N ALA A 13 -0.45 -1.76 3.64
CA ALA A 13 -1.25 -0.56 3.85
C ALA A 13 -0.47 0.68 3.44
N VAL A 14 0.86 0.58 3.48
CA VAL A 14 1.72 1.69 3.12
C VAL A 14 1.69 1.94 1.61
N LEU A 15 1.74 0.85 0.84
CA LEU A 15 1.70 0.94 -0.61
C LEU A 15 0.30 1.28 -1.10
N LEU A 16 -0.70 0.94 -0.30
CA LEU A 16 -2.08 1.22 -0.64
C LEU A 16 -2.37 2.71 -0.56
N LEU A 17 -1.67 3.38 0.34
CA LEU A 17 -1.84 4.81 0.55
C LEU A 17 -0.94 5.62 -0.41
N VAL A 18 0.28 5.15 -0.63
CA VAL A 18 1.22 5.85 -1.48
C VAL A 18 1.06 5.53 -2.97
N ILE A 19 0.93 4.25 -3.30
CA ILE A 19 0.82 3.83 -4.70
C ILE A 19 -0.61 3.94 -5.24
N LEU A 20 -1.56 3.22 -4.64
CA LEU A 20 -2.94 3.24 -5.09
C LEU A 20 -3.53 4.65 -5.13
N VAL A 21 -3.58 5.30 -3.97
CA VAL A 21 -4.12 6.65 -3.87
C VAL A 21 -3.52 7.59 -4.91
N LEU A 22 -2.32 7.28 -5.37
CA LEU A 22 -1.65 8.12 -6.36
C LEU A 22 -2.29 7.96 -7.74
N GLY A 23 -2.72 6.75 -8.05
CA GLY A 23 -3.33 6.48 -9.34
C GLY A 23 -4.81 6.86 -9.40
N VAL A 24 -5.43 7.02 -8.25
CA VAL A 24 -6.85 7.37 -8.19
C VAL A 24 -7.11 8.75 -8.77
N MET A 25 -6.10 9.61 -8.73
CA MET A 25 -6.22 10.96 -9.25
C MET A 25 -6.39 10.97 -10.76
N VAL A 26 -5.59 10.14 -11.44
CA VAL A 26 -5.64 10.05 -12.89
C VAL A 26 -6.75 9.08 -13.34
N ALA A 27 -7.11 8.16 -12.47
CA ALA A 27 -8.15 7.17 -12.78
C ALA A 27 -9.54 7.78 -12.70
N LYS A 28 -9.90 8.28 -11.51
CA LYS A 28 -11.21 8.89 -11.30
C LYS A 28 -11.48 9.99 -12.32
N LYS A 29 -10.43 10.67 -12.76
CA LYS A 29 -10.56 11.74 -13.74
C LYS A 29 -10.77 11.18 -15.14
N LYS A 30 -9.86 10.31 -15.56
CA LYS A 30 -9.95 9.70 -16.89
C LYS A 30 -11.08 8.67 -16.94
N LYS A 1 10.84 -20.94 15.37
CA LYS A 1 9.72 -21.15 14.43
C LYS A 1 8.53 -20.25 14.78
N LYS A 2 8.71 -18.94 14.58
CA LYS A 2 7.66 -17.98 14.88
C LYS A 2 7.96 -16.62 14.24
N LYS A 3 7.75 -16.53 12.93
CA LYS A 3 7.99 -15.29 12.20
C LYS A 3 6.76 -14.38 12.26
N PRO A 4 6.93 -13.13 12.72
CA PRO A 4 5.82 -12.17 12.83
C PRO A 4 5.33 -11.69 11.47
N LEU A 5 4.02 -11.50 11.35
CA LEU A 5 3.42 -11.04 10.10
C LEU A 5 2.89 -9.61 10.25
N LEU A 6 3.12 -9.02 11.42
CA LEU A 6 2.67 -7.67 11.70
C LEU A 6 3.32 -6.65 10.76
N PRO A 7 4.66 -6.66 10.62
CA PRO A 7 5.36 -5.71 9.73
C PRO A 7 4.95 -5.87 8.27
N LEU A 8 4.23 -6.94 7.96
CA LEU A 8 3.78 -7.19 6.60
C LEU A 8 2.38 -6.62 6.37
N LEU A 9 1.60 -6.51 7.43
CA LEU A 9 0.24 -5.98 7.35
C LEU A 9 0.26 -4.46 7.24
N VAL A 10 1.18 -3.83 7.97
CA VAL A 10 1.29 -2.37 7.96
C VAL A 10 1.99 -1.88 6.70
N ALA A 11 2.91 -2.68 6.18
CA ALA A 11 3.65 -2.32 4.97
C ALA A 11 2.76 -2.47 3.74
N GLY A 12 1.77 -3.34 3.83
CA GLY A 12 0.85 -3.55 2.73
C GLY A 12 -0.16 -2.42 2.65
N ALA A 13 -0.28 -1.69 3.75
CA ALA A 13 -1.20 -0.57 3.85
C ALA A 13 -0.56 0.70 3.29
N VAL A 14 0.64 0.99 3.78
CA VAL A 14 1.38 2.17 3.35
C VAL A 14 1.51 2.22 1.83
N LEU A 15 1.75 1.07 1.22
CA LEU A 15 1.90 0.98 -0.23
C LEU A 15 0.53 1.04 -0.92
N LEU A 16 -0.51 0.66 -0.19
CA LEU A 16 -1.85 0.67 -0.74
C LEU A 16 -2.36 2.10 -0.91
N LEU A 17 -1.95 2.97 0.01
CA LEU A 17 -2.36 4.37 -0.02
C LEU A 17 -1.46 5.22 -0.91
N VAL A 18 -0.16 4.92 -0.90
CA VAL A 18 0.80 5.69 -1.68
C VAL A 18 0.91 5.23 -3.14
N ILE A 19 1.03 3.93 -3.36
CA ILE A 19 1.19 3.38 -4.71
C ILE A 19 -0.14 3.23 -5.45
N LEU A 20 -1.03 2.40 -4.93
CA LEU A 20 -2.32 2.14 -5.57
C LEU A 20 -3.10 3.42 -5.83
N VAL A 21 -3.40 4.17 -4.78
CA VAL A 21 -4.15 5.40 -4.89
C VAL A 21 -3.56 6.35 -5.94
N LEU A 22 -2.24 6.34 -6.06
CA LEU A 22 -1.56 7.19 -7.02
C LEU A 22 -1.57 6.59 -8.42
N GLY A 23 -1.73 5.27 -8.49
CA GLY A 23 -1.74 4.58 -9.77
C GLY A 23 -3.09 4.62 -10.47
N VAL A 24 -4.17 4.49 -9.70
CA VAL A 24 -5.52 4.50 -10.26
C VAL A 24 -5.78 5.75 -11.10
N MET A 25 -5.35 6.90 -10.60
CA MET A 25 -5.54 8.17 -11.30
C MET A 25 -4.81 8.17 -12.64
N VAL A 26 -3.62 7.59 -12.66
CA VAL A 26 -2.84 7.52 -13.89
C VAL A 26 -3.47 6.55 -14.88
N ALA A 27 -4.24 5.62 -14.37
CA ALA A 27 -4.91 4.63 -15.20
C ALA A 27 -6.15 5.22 -15.86
N LYS A 28 -6.88 6.04 -15.11
CA LYS A 28 -8.10 6.67 -15.62
C LYS A 28 -7.77 7.63 -16.76
N LYS A 29 -6.69 8.38 -16.62
CA LYS A 29 -6.28 9.33 -17.65
C LYS A 29 -5.98 8.62 -18.96
N LYS A 30 -5.32 7.46 -18.87
CA LYS A 30 -4.97 6.69 -20.05
C LYS A 30 -6.04 5.64 -20.35
N LYS A 1 13.18 -14.12 16.54
CA LYS A 1 12.43 -12.84 16.68
C LYS A 1 12.94 -11.81 15.68
N LYS A 2 14.01 -11.10 16.06
CA LYS A 2 14.60 -10.07 15.20
C LYS A 2 13.56 -9.02 14.80
N LYS A 3 12.87 -9.28 13.69
CA LYS A 3 11.85 -8.35 13.20
C LYS A 3 10.44 -8.92 13.42
N PRO A 4 9.54 -8.13 14.02
CA PRO A 4 8.16 -8.56 14.29
C PRO A 4 7.40 -8.87 12.99
N LEU A 5 6.30 -9.60 13.12
CA LEU A 5 5.49 -9.97 11.95
C LEU A 5 4.36 -8.95 11.74
N LEU A 6 4.40 -7.86 12.51
CA LEU A 6 3.39 -6.82 12.39
C LEU A 6 3.60 -5.96 11.14
N PRO A 7 4.84 -5.48 10.90
CA PRO A 7 5.14 -4.64 9.72
C PRO A 7 4.83 -5.35 8.40
N LEU A 8 4.57 -6.65 8.48
CA LEU A 8 4.27 -7.45 7.29
C LEU A 8 2.82 -7.24 6.85
N LEU A 9 1.89 -7.44 7.78
CA LEU A 9 0.47 -7.29 7.49
C LEU A 9 0.15 -5.87 7.02
N VAL A 10 0.87 -4.89 7.55
CA VAL A 10 0.66 -3.50 7.19
C VAL A 10 1.42 -3.12 5.93
N ALA A 11 2.46 -3.89 5.60
CA ALA A 11 3.29 -3.63 4.43
C ALA A 11 2.44 -3.43 3.17
N GLY A 12 1.26 -4.05 3.15
CA GLY A 12 0.38 -3.92 2.00
C GLY A 12 -0.46 -2.66 2.05
N ALA A 13 -1.12 -2.43 3.18
CA ALA A 13 -1.96 -1.25 3.35
C ALA A 13 -1.19 0.03 3.04
N VAL A 14 0.08 0.04 3.40
CA VAL A 14 0.93 1.20 3.16
C VAL A 14 0.99 1.53 1.67
N LEU A 15 1.33 0.53 0.86
CA LEU A 15 1.43 0.70 -0.59
C LEU A 15 0.19 1.40 -1.15
N LEU A 16 -0.95 1.18 -0.52
CA LEU A 16 -2.19 1.81 -0.96
C LEU A 16 -2.17 3.32 -0.70
N LEU A 17 -1.57 3.72 0.40
CA LEU A 17 -1.48 5.13 0.76
C LEU A 17 -0.39 5.84 -0.04
N VAL A 18 0.72 5.15 -0.30
CA VAL A 18 1.83 5.74 -1.04
C VAL A 18 1.65 5.64 -2.56
N ILE A 19 1.61 4.42 -3.08
CA ILE A 19 1.50 4.19 -4.51
C ILE A 19 0.14 4.62 -5.09
N LEU A 20 -0.94 4.00 -4.62
CA LEU A 20 -2.27 4.30 -5.14
C LEU A 20 -2.65 5.78 -5.00
N VAL A 21 -2.74 6.26 -3.75
CA VAL A 21 -3.11 7.64 -3.49
C VAL A 21 -2.28 8.65 -4.27
N LEU A 22 -1.07 8.26 -4.67
CA LEU A 22 -0.20 9.16 -5.42
C LEU A 22 -0.69 9.34 -6.85
N GLY A 23 -1.28 8.29 -7.41
CA GLY A 23 -1.78 8.35 -8.77
C GLY A 23 -3.17 8.97 -8.88
N VAL A 24 -3.87 9.05 -7.75
CA VAL A 24 -5.22 9.63 -7.74
C VAL A 24 -5.18 11.13 -8.02
N MET A 25 -4.04 11.75 -7.71
CA MET A 25 -3.87 13.19 -7.92
C MET A 25 -3.89 13.52 -9.41
N VAL A 26 -3.17 12.73 -10.19
CA VAL A 26 -3.10 12.93 -11.64
C VAL A 26 -4.27 12.28 -12.35
N ALA A 27 -4.85 11.26 -11.72
CA ALA A 27 -5.97 10.54 -12.30
C ALA A 27 -7.25 11.37 -12.25
N LYS A 28 -7.71 11.69 -11.05
CA LYS A 28 -8.91 12.49 -10.87
C LYS A 28 -8.82 13.81 -11.63
N LYS A 29 -7.60 14.33 -11.76
CA LYS A 29 -7.38 15.58 -12.47
C LYS A 29 -7.58 15.39 -13.98
N LYS A 30 -6.93 14.38 -14.53
CA LYS A 30 -7.05 14.09 -15.97
C LYS A 30 -8.07 12.99 -16.22
N LYS A 1 9.26 -20.70 18.48
CA LYS A 1 9.13 -19.33 17.93
C LYS A 1 7.92 -19.22 17.01
N LYS A 2 7.28 -18.05 17.02
CA LYS A 2 6.10 -17.82 16.19
C LYS A 2 6.33 -16.65 15.24
N LYS A 3 6.43 -16.95 13.95
CA LYS A 3 6.67 -15.93 12.93
C LYS A 3 5.50 -14.94 12.87
N PRO A 4 5.73 -13.67 13.27
CA PRO A 4 4.68 -12.64 13.25
C PRO A 4 4.39 -12.15 11.84
N LEU A 5 3.23 -11.53 11.65
CA LEU A 5 2.84 -11.01 10.35
C LEU A 5 2.41 -9.56 10.44
N LEU A 6 2.53 -8.97 11.63
CA LEU A 6 2.14 -7.57 11.84
C LEU A 6 2.94 -6.63 10.95
N PRO A 7 4.28 -6.77 10.89
CA PRO A 7 5.13 -5.91 10.06
C PRO A 7 4.74 -5.96 8.58
N LEU A 8 4.14 -7.07 8.18
CA LEU A 8 3.72 -7.25 6.79
C LEU A 8 2.37 -6.60 6.55
N LEU A 9 1.58 -6.45 7.61
CA LEU A 9 0.26 -5.86 7.51
C LEU A 9 0.36 -4.35 7.25
N VAL A 10 1.27 -3.69 7.97
CA VAL A 10 1.46 -2.25 7.83
C VAL A 10 2.28 -1.93 6.58
N ALA A 11 3.24 -2.80 6.26
CA ALA A 11 4.09 -2.60 5.09
C ALA A 11 3.27 -2.57 3.81
N GLY A 12 2.20 -3.36 3.77
CA GLY A 12 1.35 -3.41 2.59
C GLY A 12 0.31 -2.32 2.58
N ALA A 13 -0.23 -1.99 3.75
CA ALA A 13 -1.25 -0.95 3.87
C ALA A 13 -0.74 0.38 3.35
N VAL A 14 0.54 0.66 3.59
CA VAL A 14 1.15 1.90 3.15
C VAL A 14 1.24 1.97 1.63
N LEU A 15 1.75 0.91 1.01
CA LEU A 15 1.89 0.85 -0.44
C LEU A 15 0.54 0.97 -1.14
N LEU A 16 -0.52 0.59 -0.43
CA LEU A 16 -1.86 0.65 -0.98
C LEU A 16 -2.38 2.08 -1.02
N LEU A 17 -2.02 2.87 -0.01
CA LEU A 17 -2.46 4.25 0.08
C LEU A 17 -1.54 5.18 -0.70
N VAL A 18 -0.26 4.85 -0.75
CA VAL A 18 0.72 5.68 -1.45
C VAL A 18 0.82 5.39 -2.94
N ILE A 19 0.95 4.12 -3.32
CA ILE A 19 1.10 3.74 -4.72
C ILE A 19 -0.24 3.64 -5.46
N LEU A 20 -1.11 2.74 -5.02
CA LEU A 20 -2.40 2.55 -5.68
C LEU A 20 -3.19 3.85 -5.82
N VAL A 21 -3.46 4.49 -4.68
CA VAL A 21 -4.22 5.75 -4.67
C VAL A 21 -3.67 6.77 -5.67
N LEU A 22 -2.40 6.66 -6.00
CA LEU A 22 -1.77 7.59 -6.93
C LEU A 22 -2.09 7.23 -8.39
N GLY A 23 -2.04 5.95 -8.71
CA GLY A 23 -2.31 5.50 -10.08
C GLY A 23 -3.78 5.37 -10.41
N VAL A 24 -4.64 5.32 -9.40
CA VAL A 24 -6.07 5.18 -9.61
C VAL A 24 -6.74 6.51 -9.98
N MET A 25 -6.38 7.56 -9.28
CA MET A 25 -6.96 8.88 -9.52
C MET A 25 -6.49 9.48 -10.84
N VAL A 26 -5.27 9.15 -11.25
CA VAL A 26 -4.73 9.66 -12.49
C VAL A 26 -5.25 8.88 -13.69
N ALA A 27 -5.50 7.58 -13.49
CA ALA A 27 -6.00 6.73 -14.56
C ALA A 27 -7.51 6.86 -14.73
N LYS A 28 -8.22 7.01 -13.62
CA LYS A 28 -9.68 7.14 -13.66
C LYS A 28 -10.12 8.57 -14.02
N LYS A 29 -9.17 9.49 -14.02
CA LYS A 29 -9.46 10.88 -14.35
C LYS A 29 -9.81 11.03 -15.84
N LYS A 30 -9.02 10.38 -16.68
CA LYS A 30 -9.23 10.44 -18.13
C LYS A 30 -10.18 9.32 -18.58
N LYS A 1 5.56 -18.70 0.92
CA LYS A 1 4.81 -17.42 0.92
C LYS A 1 4.91 -16.73 2.27
N LYS A 2 5.54 -15.55 2.28
CA LYS A 2 5.70 -14.79 3.51
C LYS A 2 4.40 -14.07 3.88
N LYS A 3 3.57 -14.74 4.67
CA LYS A 3 2.30 -14.18 5.10
C LYS A 3 2.51 -13.09 6.16
N PRO A 4 1.68 -12.03 6.12
CA PRO A 4 1.77 -10.93 7.09
C PRO A 4 1.13 -11.27 8.43
N LEU A 5 1.84 -10.94 9.51
CA LEU A 5 1.34 -11.22 10.86
C LEU A 5 1.28 -9.95 11.70
N LEU A 6 2.20 -9.02 11.45
CA LEU A 6 2.25 -7.77 12.20
C LEU A 6 3.07 -6.69 11.47
N PRO A 7 4.36 -6.94 11.16
CA PRO A 7 5.19 -5.94 10.48
C PRO A 7 4.89 -5.83 8.98
N LEU A 8 4.35 -6.90 8.41
CA LEU A 8 4.02 -6.91 7.00
C LEU A 8 2.60 -6.39 6.76
N LEU A 9 1.76 -6.47 7.79
CA LEU A 9 0.38 -6.01 7.69
C LEU A 9 0.33 -4.50 7.45
N VAL A 10 1.26 -3.78 8.06
CA VAL A 10 1.32 -2.33 7.92
C VAL A 10 2.09 -1.94 6.67
N ALA A 11 3.04 -2.77 6.27
CA ALA A 11 3.86 -2.50 5.09
C ALA A 11 3.02 -2.58 3.81
N GLY A 12 2.19 -3.62 3.71
CA GLY A 12 1.36 -3.78 2.54
C GLY A 12 0.24 -2.77 2.47
N ALA A 13 -0.08 -2.15 3.61
CA ALA A 13 -1.15 -1.16 3.67
C ALA A 13 -0.69 0.17 3.09
N VAL A 14 0.52 0.59 3.46
CA VAL A 14 1.06 1.86 2.98
C VAL A 14 1.11 1.90 1.46
N LEU A 15 1.55 0.80 0.86
CA LEU A 15 1.66 0.70 -0.60
C LEU A 15 0.33 0.98 -1.29
N LEU A 16 -0.77 0.82 -0.56
CA LEU A 16 -2.09 1.06 -1.11
C LEU A 16 -2.44 2.54 -1.12
N LEU A 17 -2.09 3.25 -0.05
CA LEU A 17 -2.38 4.67 0.05
C LEU A 17 -1.31 5.52 -0.64
N VAL A 18 -0.10 5.00 -0.71
CA VAL A 18 1.02 5.72 -1.33
C VAL A 18 1.08 5.52 -2.85
N ILE A 19 1.03 4.28 -3.30
CA ILE A 19 1.13 3.96 -4.73
C ILE A 19 -0.21 4.11 -5.45
N LEU A 20 -1.21 3.32 -5.05
CA LEU A 20 -2.52 3.34 -5.69
C LEU A 20 -3.08 4.76 -5.75
N VAL A 21 -3.30 5.35 -4.57
CA VAL A 21 -3.86 6.69 -4.48
C VAL A 21 -3.07 7.70 -5.32
N LEU A 22 -1.79 7.41 -5.56
CA LEU A 22 -0.96 8.31 -6.35
C LEU A 22 -1.34 8.24 -7.83
N GLY A 23 -1.76 7.06 -8.27
CA GLY A 23 -2.16 6.88 -9.65
C GLY A 23 -3.56 7.41 -9.93
N VAL A 24 -4.36 7.53 -8.89
CA VAL A 24 -5.73 8.01 -9.03
C VAL A 24 -5.74 9.52 -9.32
N MET A 25 -4.69 10.20 -8.89
CA MET A 25 -4.57 11.64 -9.11
C MET A 25 -4.63 11.98 -10.59
N VAL A 26 -3.81 11.27 -11.37
CA VAL A 26 -3.77 11.49 -12.82
C VAL A 26 -4.87 10.72 -13.53
N ALA A 27 -5.28 9.61 -12.92
CA ALA A 27 -6.32 8.76 -13.49
C ALA A 27 -7.65 9.52 -13.58
N LYS A 28 -8.19 9.90 -12.42
CA LYS A 28 -9.47 10.62 -12.38
C LYS A 28 -9.39 11.90 -13.20
N LYS A 29 -8.18 12.40 -13.41
CA LYS A 29 -7.98 13.63 -14.18
C LYS A 29 -8.23 13.39 -15.66
N LYS A 30 -7.58 12.37 -16.22
CA LYS A 30 -7.74 12.03 -17.62
C LYS A 30 -8.80 10.95 -17.81
N LYS A 1 12.48 -16.94 9.66
CA LYS A 1 12.75 -16.51 11.06
C LYS A 1 11.50 -16.71 11.93
N LYS A 2 11.71 -16.70 13.24
CA LYS A 2 10.61 -16.89 14.19
C LYS A 2 10.05 -15.55 14.66
N LYS A 3 10.01 -14.58 13.74
CA LYS A 3 9.50 -13.25 14.05
C LYS A 3 8.03 -13.12 13.64
N PRO A 4 7.27 -12.25 14.32
CA PRO A 4 5.85 -12.04 14.02
C PRO A 4 5.65 -11.51 12.60
N LEU A 5 4.41 -11.61 12.11
CA LEU A 5 4.07 -11.14 10.77
C LEU A 5 3.25 -9.86 10.83
N LEU A 6 3.38 -9.12 11.92
CA LEU A 6 2.64 -7.88 12.09
C LEU A 6 3.15 -6.78 11.14
N PRO A 7 4.49 -6.55 11.07
CA PRO A 7 5.06 -5.54 10.19
C PRO A 7 4.75 -5.81 8.71
N LEU A 8 4.57 -7.09 8.39
CA LEU A 8 4.27 -7.49 7.02
C LEU A 8 2.89 -7.00 6.59
N LEU A 9 1.91 -7.16 7.48
CA LEU A 9 0.55 -6.72 7.20
C LEU A 9 0.47 -5.20 7.12
N VAL A 10 1.39 -4.53 7.79
CA VAL A 10 1.45 -3.08 7.79
C VAL A 10 2.11 -2.55 6.52
N ALA A 11 3.10 -3.31 6.04
CA ALA A 11 3.83 -2.92 4.83
C ALA A 11 2.89 -2.73 3.65
N GLY A 12 1.79 -3.48 3.64
CA GLY A 12 0.83 -3.37 2.56
C GLY A 12 0.00 -2.10 2.66
N ALA A 13 -0.26 -1.66 3.88
CA ALA A 13 -1.04 -0.44 4.11
C ALA A 13 -0.30 0.78 3.56
N VAL A 14 1.03 0.71 3.57
CA VAL A 14 1.85 1.82 3.08
C VAL A 14 1.70 1.97 1.57
N LEU A 15 1.93 0.87 0.84
CA LEU A 15 1.83 0.88 -0.61
C LEU A 15 0.38 1.08 -1.05
N LEU A 16 -0.55 0.76 -0.17
CA LEU A 16 -1.97 0.90 -0.47
C LEU A 16 -2.39 2.36 -0.44
N LEU A 17 -1.80 3.13 0.46
CA LEU A 17 -2.10 4.54 0.60
C LEU A 17 -1.26 5.40 -0.36
N VAL A 18 -0.02 4.99 -0.57
CA VAL A 18 0.89 5.76 -1.42
C VAL A 18 0.75 5.43 -2.91
N ILE A 19 0.70 4.15 -3.26
CA ILE A 19 0.60 3.73 -4.66
C ILE A 19 -0.84 3.76 -5.19
N LEU A 20 -1.71 2.96 -4.59
CA LEU A 20 -3.10 2.89 -5.03
C LEU A 20 -3.77 4.25 -5.05
N VAL A 21 -3.88 4.88 -3.89
CA VAL A 21 -4.53 6.19 -3.76
C VAL A 21 -3.95 7.21 -4.73
N LEU A 22 -2.70 7.01 -5.14
CA LEU A 22 -2.05 7.93 -6.07
C LEU A 22 -2.54 7.69 -7.50
N GLY A 23 -2.87 6.45 -7.81
CA GLY A 23 -3.34 6.11 -9.13
C GLY A 23 -4.83 6.37 -9.32
N VAL A 24 -5.55 6.53 -8.21
CA VAL A 24 -6.99 6.79 -8.27
C VAL A 24 -7.28 8.15 -8.89
N MET A 25 -6.32 9.07 -8.79
CA MET A 25 -6.48 10.41 -9.34
C MET A 25 -6.50 10.38 -10.86
N VAL A 26 -5.58 9.63 -11.45
CA VAL A 26 -5.48 9.52 -12.90
C VAL A 26 -6.49 8.50 -13.43
N ALA A 27 -6.84 7.53 -12.60
CA ALA A 27 -7.79 6.48 -12.98
C ALA A 27 -9.21 7.03 -13.04
N LYS A 28 -9.68 7.56 -11.91
CA LYS A 28 -11.03 8.13 -11.83
C LYS A 28 -11.27 9.15 -12.93
N LYS A 29 -10.21 9.85 -13.32
CA LYS A 29 -10.32 10.86 -14.37
C LYS A 29 -10.43 10.21 -15.74
N LYS A 30 -9.69 9.13 -15.94
CA LYS A 30 -9.71 8.39 -17.20
C LYS A 30 -10.70 7.24 -17.15
N LYS A 1 14.38 -12.20 14.37
CA LYS A 1 14.03 -13.56 13.86
C LYS A 1 12.88 -14.16 14.66
N LYS A 2 12.81 -13.83 15.94
CA LYS A 2 11.76 -14.33 16.81
C LYS A 2 10.67 -13.28 17.02
N LYS A 3 10.59 -12.33 16.10
CA LYS A 3 9.61 -11.26 16.19
C LYS A 3 8.42 -11.55 15.26
N PRO A 4 7.19 -11.14 15.67
CA PRO A 4 5.98 -11.36 14.86
C PRO A 4 6.07 -10.72 13.49
N LEU A 5 5.29 -11.24 12.54
CA LEU A 5 5.27 -10.71 11.18
C LEU A 5 4.14 -9.72 11.00
N LEU A 6 3.75 -9.07 12.10
CA LEU A 6 2.68 -8.08 12.08
C LEU A 6 3.01 -6.91 11.14
N PRO A 7 4.21 -6.29 11.28
CA PRO A 7 4.60 -5.16 10.43
C PRO A 7 4.69 -5.54 8.95
N LEU A 8 4.91 -6.82 8.68
CA LEU A 8 5.02 -7.29 7.31
C LEU A 8 3.69 -7.15 6.56
N LEU A 9 2.59 -7.52 7.22
CA LEU A 9 1.28 -7.41 6.61
C LEU A 9 0.87 -5.95 6.44
N VAL A 10 1.33 -5.11 7.36
CA VAL A 10 1.04 -3.69 7.33
C VAL A 10 1.75 -3.02 6.16
N ALA A 11 2.93 -3.53 5.83
CA ALA A 11 3.72 -2.99 4.72
C ALA A 11 2.92 -2.92 3.43
N GLY A 12 2.06 -3.92 3.23
CA GLY A 12 1.24 -3.96 2.04
C GLY A 12 0.18 -2.87 2.02
N ALA A 13 -0.27 -2.46 3.20
CA ALA A 13 -1.27 -1.40 3.31
C ALA A 13 -0.69 -0.06 2.92
N VAL A 14 0.60 0.13 3.22
CA VAL A 14 1.28 1.37 2.89
C VAL A 14 1.26 1.64 1.39
N LEU A 15 1.21 0.56 0.60
CA LEU A 15 1.17 0.67 -0.85
C LEU A 15 -0.14 1.27 -1.32
N LEU A 16 -1.19 1.09 -0.54
CA LEU A 16 -2.49 1.63 -0.88
C LEU A 16 -2.52 3.15 -0.69
N LEU A 17 -1.78 3.62 0.31
CA LEU A 17 -1.72 5.04 0.61
C LEU A 17 -0.66 5.76 -0.23
N VAL A 18 0.44 5.07 -0.50
CA VAL A 18 1.54 5.67 -1.27
C VAL A 18 1.34 5.56 -2.78
N ILE A 19 0.95 4.38 -3.24
CA ILE A 19 0.77 4.14 -4.67
C ILE A 19 -0.59 4.62 -5.20
N LEU A 20 -1.67 4.05 -4.66
CA LEU A 20 -3.02 4.41 -5.10
C LEU A 20 -3.29 5.91 -4.95
N VAL A 21 -3.27 6.39 -3.71
CA VAL A 21 -3.55 7.80 -3.42
C VAL A 21 -2.76 8.74 -4.32
N LEU A 22 -1.57 8.31 -4.76
CA LEU A 22 -0.74 9.14 -5.62
C LEU A 22 -1.18 9.08 -7.07
N GLY A 23 -1.67 7.92 -7.49
CA GLY A 23 -2.11 7.75 -8.87
C GLY A 23 -3.52 8.25 -9.12
N VAL A 24 -4.34 8.26 -8.08
CA VAL A 24 -5.73 8.71 -8.20
C VAL A 24 -5.83 10.23 -8.17
N MET A 25 -5.01 10.86 -7.33
CA MET A 25 -5.03 12.32 -7.21
C MET A 25 -4.56 12.97 -8.50
N VAL A 26 -3.45 12.48 -9.04
CA VAL A 26 -2.91 13.02 -10.28
C VAL A 26 -3.90 12.86 -11.43
N ALA A 27 -4.75 11.84 -11.32
CA ALA A 27 -5.76 11.57 -12.34
C ALA A 27 -6.96 12.49 -12.18
N LYS A 28 -7.40 12.68 -10.94
CA LYS A 28 -8.55 13.54 -10.66
C LYS A 28 -8.18 15.01 -10.82
N LYS A 29 -6.90 15.27 -11.08
CA LYS A 29 -6.41 16.63 -11.25
C LYS A 29 -6.80 17.18 -12.63
N LYS A 30 -6.50 16.40 -13.67
CA LYS A 30 -6.82 16.80 -15.04
C LYS A 30 -8.31 16.73 -15.29
N LYS A 1 8.08 -18.12 15.55
CA LYS A 1 7.98 -17.78 16.99
C LYS A 1 9.11 -16.84 17.41
N LYS A 2 9.74 -16.22 16.42
CA LYS A 2 10.85 -15.30 16.69
C LYS A 2 10.69 -14.00 15.90
N LYS A 3 10.35 -14.14 14.62
CA LYS A 3 10.17 -12.97 13.76
C LYS A 3 8.68 -12.69 13.53
N PRO A 4 8.14 -11.63 14.16
CA PRO A 4 6.72 -11.26 14.02
C PRO A 4 6.35 -10.91 12.59
N LEU A 5 5.14 -11.27 12.20
CA LEU A 5 4.66 -10.99 10.84
C LEU A 5 3.73 -9.78 10.84
N LEU A 6 3.76 -9.01 11.93
CA LEU A 6 2.93 -7.83 12.06
C LEU A 6 3.38 -6.71 11.11
N PRO A 7 4.69 -6.37 11.08
CA PRO A 7 5.20 -5.31 10.20
C PRO A 7 5.08 -5.68 8.72
N LEU A 8 4.61 -6.89 8.46
CA LEU A 8 4.46 -7.36 7.08
C LEU A 8 3.06 -7.05 6.54
N LEU A 9 2.04 -7.24 7.38
CA LEU A 9 0.67 -6.98 6.97
C LEU A 9 0.45 -5.49 6.73
N VAL A 10 1.08 -4.67 7.55
CA VAL A 10 0.96 -3.22 7.43
C VAL A 10 1.71 -2.71 6.20
N ALA A 11 2.74 -3.44 5.80
CA ALA A 11 3.54 -3.06 4.64
C ALA A 11 2.67 -2.90 3.40
N GLY A 12 1.71 -3.81 3.24
CA GLY A 12 0.81 -3.73 2.10
C GLY A 12 -0.11 -2.54 2.19
N ALA A 13 -0.45 -2.14 3.41
CA ALA A 13 -1.32 -1.00 3.63
C ALA A 13 -0.63 0.30 3.24
N VAL A 14 0.66 0.39 3.52
CA VAL A 14 1.44 1.58 3.18
C VAL A 14 1.51 1.76 1.67
N LEU A 15 1.60 0.65 0.95
CA LEU A 15 1.67 0.68 -0.51
C LEU A 15 0.35 1.15 -1.10
N LEU A 16 -0.73 1.00 -0.34
CA LEU A 16 -2.05 1.42 -0.80
C LEU A 16 -2.21 2.92 -0.61
N LEU A 17 -1.51 3.46 0.38
CA LEU A 17 -1.56 4.88 0.67
C LEU A 17 -0.56 5.67 -0.18
N VAL A 18 0.59 5.05 -0.47
CA VAL A 18 1.62 5.72 -1.26
C VAL A 18 1.41 5.58 -2.77
N ILE A 19 1.09 4.37 -3.22
CA ILE A 19 0.91 4.10 -4.65
C ILE A 19 -0.49 4.50 -5.17
N LEU A 20 -1.54 3.95 -4.57
CA LEU A 20 -2.91 4.24 -5.01
C LEU A 20 -3.27 5.70 -4.86
N VAL A 21 -3.20 6.20 -3.63
CA VAL A 21 -3.54 7.61 -3.34
C VAL A 21 -2.79 8.55 -4.27
N LEU A 22 -1.65 8.12 -4.79
CA LEU A 22 -0.85 8.94 -5.70
C LEU A 22 -1.60 9.16 -7.02
N GLY A 23 -2.20 8.09 -7.54
CA GLY A 23 -2.92 8.18 -8.79
C GLY A 23 -4.24 8.93 -8.67
N VAL A 24 -4.73 9.08 -7.45
CA VAL A 24 -5.99 9.79 -7.22
C VAL A 24 -5.79 11.29 -7.34
N MET A 25 -4.56 11.75 -7.09
CA MET A 25 -4.24 13.16 -7.17
C MET A 25 -4.41 13.67 -8.60
N VAL A 26 -3.96 12.87 -9.56
CA VAL A 26 -4.06 13.23 -10.96
C VAL A 26 -5.43 12.85 -11.53
N ALA A 27 -6.01 11.79 -10.97
CA ALA A 27 -7.33 11.32 -11.41
C ALA A 27 -8.41 12.32 -11.06
N LYS A 28 -8.59 12.55 -9.75
CA LYS A 28 -9.59 13.49 -9.28
C LYS A 28 -9.36 14.88 -9.86
N LYS A 29 -8.12 15.15 -10.26
CA LYS A 29 -7.75 16.43 -10.84
C LYS A 29 -8.49 16.67 -12.15
N LYS A 30 -8.47 15.68 -13.03
CA LYS A 30 -9.14 15.78 -14.32
C LYS A 30 -10.63 15.51 -14.18
N LYS A 1 9.89 -13.08 22.43
CA LYS A 1 9.94 -12.67 21.00
C LYS A 1 11.19 -11.85 20.71
N LYS A 2 11.60 -11.83 19.44
CA LYS A 2 12.77 -11.08 19.02
C LYS A 2 12.65 -10.61 17.57
N LYS A 3 12.05 -11.46 16.74
CA LYS A 3 11.87 -11.13 15.33
C LYS A 3 10.37 -10.95 15.00
N PRO A 4 9.87 -9.71 15.01
CA PRO A 4 8.46 -9.42 14.72
C PRO A 4 8.13 -9.57 13.23
N LEU A 5 6.85 -9.77 12.94
CA LEU A 5 6.39 -9.93 11.56
C LEU A 5 5.14 -9.09 11.32
N LEU A 6 4.85 -8.18 12.25
CA LEU A 6 3.69 -7.31 12.16
C LEU A 6 3.78 -6.30 11.00
N PRO A 7 4.95 -5.62 10.83
CA PRO A 7 5.12 -4.63 9.75
C PRO A 7 4.71 -5.14 8.37
N LEU A 8 4.61 -6.46 8.22
CA LEU A 8 4.22 -7.05 6.94
C LEU A 8 2.71 -6.99 6.75
N LEU A 9 1.97 -7.16 7.84
CA LEU A 9 0.50 -7.12 7.78
C LEU A 9 0.01 -5.76 7.32
N VAL A 10 0.64 -4.71 7.84
CA VAL A 10 0.27 -3.34 7.48
C VAL A 10 0.94 -2.91 6.19
N ALA A 11 2.02 -3.60 5.83
CA ALA A 11 2.76 -3.28 4.61
C ALA A 11 1.83 -3.17 3.41
N GLY A 12 0.92 -4.13 3.26
CA GLY A 12 -0.01 -4.11 2.15
C GLY A 12 -0.83 -2.85 2.12
N ALA A 13 -1.15 -2.31 3.29
CA ALA A 13 -1.94 -1.10 3.39
C ALA A 13 -1.11 0.12 3.03
N VAL A 14 0.19 0.05 3.29
CA VAL A 14 1.10 1.15 2.99
C VAL A 14 1.20 1.40 1.50
N LEU A 15 1.14 0.33 0.71
CA LEU A 15 1.23 0.44 -0.74
C LEU A 15 0.05 1.23 -1.32
N LEU A 16 -1.04 1.29 -0.56
CA LEU A 16 -2.23 2.00 -1.00
C LEU A 16 -2.06 3.51 -0.82
N LEU A 17 -1.45 3.89 0.30
CA LEU A 17 -1.24 5.30 0.61
C LEU A 17 0.05 5.84 -0.02
N VAL A 18 1.05 4.97 -0.19
CA VAL A 18 2.32 5.39 -0.76
C VAL A 18 2.34 5.35 -2.29
N ILE A 19 1.88 4.25 -2.88
CA ILE A 19 1.89 4.10 -4.34
C ILE A 19 0.71 4.79 -5.02
N LEU A 20 -0.50 4.34 -4.70
CA LEU A 20 -1.71 4.91 -5.32
C LEU A 20 -1.74 6.43 -5.19
N VAL A 21 -1.66 6.92 -3.96
CA VAL A 21 -1.70 8.36 -3.70
C VAL A 21 -0.58 9.10 -4.43
N LEU A 22 0.50 8.40 -4.74
CA LEU A 22 1.62 9.01 -5.44
C LEU A 22 1.25 9.41 -6.86
N GLY A 23 0.34 8.65 -7.45
CA GLY A 23 -0.09 8.92 -8.81
C GLY A 23 -1.18 9.98 -8.90
N VAL A 24 -1.84 10.26 -7.79
CA VAL A 24 -2.93 11.23 -7.76
C VAL A 24 -2.43 12.66 -8.00
N MET A 25 -1.20 12.94 -7.62
CA MET A 25 -0.63 14.27 -7.80
C MET A 25 -0.40 14.57 -9.28
N VAL A 26 0.08 13.57 -10.00
CA VAL A 26 0.35 13.72 -11.43
C VAL A 26 -0.92 13.50 -12.26
N ALA A 27 -1.88 12.77 -11.69
CA ALA A 27 -3.13 12.48 -12.39
C ALA A 27 -4.11 13.65 -12.31
N LYS A 28 -4.43 14.08 -11.08
CA LYS A 28 -5.36 15.19 -10.87
C LYS A 28 -4.98 16.41 -11.71
N LYS A 29 -3.72 16.50 -12.11
CA LYS A 29 -3.25 17.62 -12.91
C LYS A 29 -3.50 17.38 -14.39
N LYS A 30 -2.91 16.31 -14.92
CA LYS A 30 -3.07 15.96 -16.33
C LYS A 30 -2.56 17.08 -17.23
N LYS A 1 12.16 -20.18 13.30
CA LYS A 1 11.49 -19.54 14.46
C LYS A 1 10.28 -18.72 14.00
N LYS A 2 9.76 -19.06 12.81
CA LYS A 2 8.61 -18.36 12.24
C LYS A 2 8.93 -16.90 11.96
N LYS A 3 8.17 -16.30 11.06
CA LYS A 3 8.35 -14.90 10.70
C LYS A 3 7.15 -14.06 11.11
N PRO A 4 7.38 -12.87 11.70
CA PRO A 4 6.30 -11.99 12.15
C PRO A 4 5.51 -11.41 10.98
N LEU A 5 4.18 -11.52 11.05
CA LEU A 5 3.31 -11.00 10.00
C LEU A 5 2.76 -9.63 10.37
N LEU A 6 3.11 -9.16 11.56
CA LEU A 6 2.65 -7.86 12.04
C LEU A 6 3.21 -6.72 11.18
N PRO A 7 4.53 -6.68 10.93
CA PRO A 7 5.15 -5.62 10.12
C PRO A 7 4.90 -5.82 8.63
N LEU A 8 4.59 -7.05 8.25
CA LEU A 8 4.34 -7.38 6.85
C LEU A 8 2.91 -7.01 6.46
N LEU A 9 2.06 -6.80 7.46
CA LEU A 9 0.67 -6.44 7.23
C LEU A 9 0.54 -4.93 7.03
N VAL A 10 1.17 -4.17 7.91
CA VAL A 10 1.13 -2.71 7.84
C VAL A 10 1.92 -2.20 6.64
N ALA A 11 2.96 -2.92 6.26
CA ALA A 11 3.80 -2.54 5.14
C ALA A 11 3.01 -2.55 3.84
N GLY A 12 1.92 -3.32 3.81
CA GLY A 12 1.10 -3.41 2.62
C GLY A 12 0.08 -2.29 2.53
N ALA A 13 -0.57 -1.98 3.64
CA ALA A 13 -1.58 -0.92 3.68
C ALA A 13 -0.99 0.39 3.19
N VAL A 14 0.25 0.66 3.58
CA VAL A 14 0.93 1.88 3.17
C VAL A 14 0.97 2.00 1.65
N LEU A 15 1.39 0.91 0.99
CA LEU A 15 1.48 0.87 -0.46
C LEU A 15 0.18 1.32 -1.12
N LEU A 16 -0.94 1.07 -0.44
CA LEU A 16 -2.25 1.45 -0.96
C LEU A 16 -2.42 2.96 -0.92
N LEU A 17 -1.81 3.59 0.07
CA LEU A 17 -1.89 5.04 0.23
C LEU A 17 -0.92 5.75 -0.72
N VAL A 18 0.27 5.18 -0.89
CA VAL A 18 1.30 5.78 -1.75
C VAL A 18 1.15 5.37 -3.22
N ILE A 19 1.39 4.10 -3.49
CA ILE A 19 1.34 3.58 -4.87
C ILE A 19 -0.04 3.68 -5.51
N LEU A 20 -1.03 3.01 -4.93
CA LEU A 20 -2.39 3.02 -5.50
C LEU A 20 -2.89 4.43 -5.75
N VAL A 21 -2.95 5.24 -4.70
CA VAL A 21 -3.42 6.62 -4.81
C VAL A 21 -2.68 7.39 -5.90
N LEU A 22 -1.46 6.96 -6.22
CA LEU A 22 -0.67 7.62 -7.25
C LEU A 22 -1.18 7.26 -8.64
N GLY A 23 -1.71 6.04 -8.78
CA GLY A 23 -2.23 5.60 -10.06
C GLY A 23 -3.65 6.07 -10.32
N VAL A 24 -4.34 6.50 -9.27
CA VAL A 24 -5.72 6.98 -9.40
C VAL A 24 -5.77 8.30 -10.18
N MET A 25 -4.65 9.04 -10.15
CA MET A 25 -4.57 10.32 -10.84
C MET A 25 -4.74 10.16 -12.35
N VAL A 26 -4.15 9.11 -12.90
CA VAL A 26 -4.23 8.86 -14.34
C VAL A 26 -5.53 8.14 -14.71
N ALA A 27 -6.10 7.43 -13.75
CA ALA A 27 -7.34 6.67 -13.98
C ALA A 27 -8.57 7.58 -13.90
N LYS A 28 -8.77 8.19 -12.75
CA LYS A 28 -9.92 9.09 -12.54
C LYS A 28 -9.99 10.17 -13.61
N LYS A 29 -8.88 10.87 -13.83
CA LYS A 29 -8.83 11.94 -14.82
C LYS A 29 -9.24 11.44 -16.21
N LYS A 30 -8.95 10.17 -16.49
CA LYS A 30 -9.30 9.59 -17.78
C LYS A 30 -10.12 8.30 -17.59
N LYS A 1 16.48 -17.01 9.02
CA LYS A 1 16.58 -16.06 10.15
C LYS A 1 15.19 -15.71 10.69
N LYS A 2 14.19 -15.78 9.82
CA LYS A 2 12.81 -15.48 10.19
C LYS A 2 12.66 -14.03 10.67
N LYS A 3 12.00 -13.22 9.86
CA LYS A 3 11.78 -11.81 10.19
C LYS A 3 10.37 -11.60 10.76
N PRO A 4 10.15 -10.49 11.49
CA PRO A 4 8.86 -10.18 12.08
C PRO A 4 7.73 -10.23 11.04
N LEU A 5 6.50 -10.43 11.51
CA LEU A 5 5.35 -10.51 10.62
C LEU A 5 4.41 -9.31 10.79
N LEU A 6 4.76 -8.43 11.73
CA LEU A 6 3.93 -7.25 11.97
C LEU A 6 4.00 -6.27 10.81
N PRO A 7 5.20 -5.92 10.32
CA PRO A 7 5.36 -4.99 9.20
C PRO A 7 4.83 -5.57 7.89
N LEU A 8 4.38 -6.82 7.93
CA LEU A 8 3.85 -7.49 6.76
C LEU A 8 2.34 -7.27 6.65
N LEU A 9 1.67 -7.21 7.80
CA LEU A 9 0.23 -7.02 7.85
C LEU A 9 -0.14 -5.63 7.32
N VAL A 10 0.63 -4.62 7.72
CA VAL A 10 0.39 -3.25 7.30
C VAL A 10 1.00 -2.96 5.93
N ALA A 11 1.96 -3.79 5.53
CA ALA A 11 2.63 -3.62 4.25
C ALA A 11 1.64 -3.37 3.12
N GLY A 12 0.53 -4.10 3.13
CA GLY A 12 -0.47 -3.94 2.09
C GLY A 12 -1.19 -2.62 2.15
N ALA A 13 -1.59 -2.21 3.35
CA ALA A 13 -2.31 -0.95 3.54
C ALA A 13 -1.44 0.24 3.15
N VAL A 14 -0.19 0.24 3.62
CA VAL A 14 0.74 1.32 3.34
C VAL A 14 0.88 1.55 1.83
N LEU A 15 1.37 0.52 1.12
CA LEU A 15 1.58 0.61 -0.32
C LEU A 15 0.40 1.25 -1.04
N LEU A 16 -0.79 1.12 -0.46
CA LEU A 16 -1.99 1.70 -1.06
C LEU A 16 -2.03 3.21 -0.90
N LEU A 17 -1.58 3.70 0.26
CA LEU A 17 -1.57 5.13 0.53
C LEU A 17 -0.36 5.83 -0.12
N VAL A 18 0.76 5.12 -0.21
CA VAL A 18 1.97 5.71 -0.80
C VAL A 18 2.02 5.59 -2.32
N ILE A 19 2.15 4.37 -2.81
CA ILE A 19 2.25 4.11 -4.25
C ILE A 19 0.99 4.50 -5.04
N LEU A 20 -0.13 3.85 -4.72
CA LEU A 20 -1.39 4.11 -5.43
C LEU A 20 -1.76 5.59 -5.44
N VAL A 21 -1.86 6.19 -4.25
CA VAL A 21 -2.22 7.60 -4.14
C VAL A 21 -1.25 8.51 -4.90
N LEU A 22 -0.03 8.06 -5.07
CA LEU A 22 0.99 8.84 -5.78
C LEU A 22 0.77 8.80 -7.28
N GLY A 23 0.10 7.76 -7.76
CA GLY A 23 -0.16 7.62 -9.17
C GLY A 23 -1.37 8.42 -9.65
N VAL A 24 -2.31 8.68 -8.75
CA VAL A 24 -3.51 9.43 -9.09
C VAL A 24 -3.26 10.94 -9.06
N MET A 25 -2.57 11.41 -8.02
CA MET A 25 -2.29 12.83 -7.87
C MET A 25 -1.58 13.39 -9.10
N VAL A 26 -0.54 12.68 -9.54
CA VAL A 26 0.22 13.10 -10.71
C VAL A 26 -0.66 13.14 -11.96
N ALA A 27 -1.71 12.33 -11.96
CA ALA A 27 -2.64 12.26 -13.08
C ALA A 27 -3.64 13.41 -13.04
N LYS A 28 -4.06 13.78 -11.84
CA LYS A 28 -5.03 14.86 -11.66
C LYS A 28 -4.47 16.18 -12.19
N LYS A 29 -3.17 16.23 -12.39
CA LYS A 29 -2.51 17.43 -12.89
C LYS A 29 -2.52 17.47 -14.42
N LYS A 30 -2.13 16.36 -15.03
CA LYS A 30 -2.09 16.25 -16.49
C LYS A 30 -1.20 17.33 -17.10
#